data_1CXF
#
_entry.id   1CXF
#
_cell.length_a   116.840
_cell.length_b   110.000
_cell.length_c   67.420
_cell.angle_alpha   90.00
_cell.angle_beta   90.00
_cell.angle_gamma   90.00
#
_symmetry.space_group_name_H-M   'P 21 21 21'
#
loop_
_entity.id
_entity.type
_entity.pdbx_description
1 polymer 'CYCLODEXTRIN GLYCOSYLTRANSFERASE'
2 branched alpha-D-glucopyranose-(1-4)-alpha-D-glucopyranose-(1-4)-alpha-D-glucopyranose-(1-4)-alpha-D-glucopyranose
3 branched alpha-D-glucopyranose-(1-4)-alpha-D-glucopyranose
4 branched Cyclohexakis-(1-4)-(alpha-D-glucopyranose)
5 non-polymer 'CALCIUM ION'
6 water water
#
_entity_poly.entity_id   1
_entity_poly.type   'polypeptide(L)'
_entity_poly.pdbx_seq_one_letter_code
;APDTSVSNKQNFSTDVIYQIFTDRFSDGNPANNPTGAAFDGTCTNLRLYCGGDWQGIINKINDGYLTGMGVTAIWISQPV
ENIYSIINYSGVNNTAYHGYWARDFKKTNPAYGTIADFQNLIAAAHAKNIKVIIDFAPNHTSPASSDQPSFAENGRLYDN
GTLLGGYTNDTQNLFHHNGGTDFSTTENGIYKNLYDLADLNHNNSTVDVYLKDAIKMWLDLGIDGIRMNAVKHMPFGWQK
SFMAAVNNYKPVFTFGQWFLGVNEVSPENHKFANESGMSLLDFRFAQKVRQVFRDNTDNMYGLKAMLEGSAADYAQVDDQ
VTFIDNHDMERFHASNANRRKLEQALAFTLTSRGVPAIYYGTEQYMSGGTDPDNRARIPSFSTSTTAYQVIQKLAPLRKC
NPAIAYGSTQERWINNDVLIYERKFGSNVAVVAVNRNLNAPASISGLVTSLPQGSYNDVLGGLLNGNTLSVGSGGAASNF
TLAAGGTAVWQYTAATATPTIGHVGPMMAKPGVTITIDGRGFGSSKGTVYFGTTAVSGADITSWEDTQIKVKIPAVAGGN
YNIKVANAAGTASNVYDNFEVLSGDQVSVRFVVNNATTALGQNVYLTGSVSELGNWDPAKAIGPMYNQVVYQYPNWYYDV
SVPAGKTIEFKFLKKQGSTVTWEGGSNHTFTAPSSGTATINVNWQP
;
_entity_poly.pdbx_strand_id   A
#
# COMPACT_ATOMS: atom_id res chain seq x y z
N ALA A 1 4.45 17.49 17.20
CA ALA A 1 5.12 17.20 15.94
C ALA A 1 4.15 17.45 14.81
N PRO A 2 4.62 18.06 13.73
CA PRO A 2 3.77 18.32 12.57
C PRO A 2 3.51 17.09 11.68
N ASP A 3 2.58 17.23 10.74
CA ASP A 3 2.22 16.14 9.83
C ASP A 3 3.41 15.62 9.04
N THR A 4 4.40 16.50 8.78
CA THR A 4 5.59 16.14 7.99
C THR A 4 6.69 15.36 8.70
N SER A 5 6.59 15.32 10.02
CA SER A 5 7.52 14.62 10.90
C SER A 5 7.83 13.17 10.51
N VAL A 6 9.08 12.73 10.69
CA VAL A 6 9.43 11.34 10.41
C VAL A 6 8.73 10.39 11.40
N SER A 7 8.29 10.92 12.52
CA SER A 7 7.63 10.13 13.54
C SER A 7 6.19 9.74 13.16
N ASN A 8 5.61 10.49 12.25
CA ASN A 8 4.27 10.23 11.78
C ASN A 8 4.19 8.89 11.04
N LYS A 9 3.98 7.80 11.77
CA LYS A 9 3.91 6.49 11.12
C LYS A 9 2.63 6.25 10.34
N GLN A 10 1.63 7.11 10.52
CA GLN A 10 0.32 6.95 9.84
C GLN A 10 0.15 7.68 8.51
N ASN A 11 1.00 8.66 8.24
CA ASN A 11 0.87 9.46 7.03
C ASN A 11 2.10 9.37 6.14
N PHE A 12 1.95 8.91 4.90
CA PHE A 12 3.07 8.83 3.98
C PHE A 12 2.84 9.64 2.72
N SER A 13 1.83 10.50 2.74
CA SER A 13 1.50 11.29 1.57
C SER A 13 2.40 12.52 1.41
N THR A 14 3.10 12.92 2.46
CA THR A 14 3.98 14.07 2.37
C THR A 14 5.38 13.58 2.06
N ASP A 15 5.51 12.25 1.95
CA ASP A 15 6.78 11.57 1.69
C ASP A 15 6.94 10.99 0.27
N VAL A 16 8.21 10.70 -0.09
CA VAL A 16 8.56 10.01 -1.36
C VAL A 16 9.29 8.72 -0.96
N ILE A 17 8.66 7.57 -1.15
CA ILE A 17 9.26 6.28 -0.81
C ILE A 17 10.31 5.93 -1.85
N TYR A 18 11.28 5.11 -1.47
CA TYR A 18 12.35 4.70 -2.39
C TYR A 18 12.46 3.22 -2.14
N GLN A 19 11.99 2.40 -3.10
CA GLN A 19 11.98 0.95 -2.95
C GLN A 19 13.33 0.30 -3.24
N ILE A 20 13.83 -0.42 -2.23
CA ILE A 20 15.13 -1.00 -2.32
C ILE A 20 15.18 -2.50 -2.38
N PHE A 21 15.77 -3.04 -3.44
CA PHE A 21 15.95 -4.47 -3.50
C PHE A 21 17.25 -4.60 -2.76
N THR A 22 17.15 -5.03 -1.50
CA THR A 22 18.26 -5.13 -0.58
C THR A 22 19.54 -5.73 -1.15
N ASP A 23 19.43 -6.93 -1.69
CA ASP A 23 20.60 -7.58 -2.24
C ASP A 23 21.32 -6.81 -3.36
N ARG A 24 20.55 -6.11 -4.17
CA ARG A 24 21.08 -5.38 -5.31
C ARG A 24 21.42 -3.89 -5.13
N PHE A 25 21.43 -3.42 -3.88
CA PHE A 25 21.69 -2.02 -3.59
C PHE A 25 23.16 -1.76 -3.25
N SER A 26 23.58 -2.19 -2.06
CA SER A 26 24.95 -2.00 -1.63
C SER A 26 25.37 -2.91 -0.48
N ASP A 27 26.36 -3.76 -0.74
CA ASP A 27 26.90 -4.70 0.24
C ASP A 27 27.87 -3.96 1.16
N GLY A 28 27.35 -3.40 2.26
CA GLY A 28 28.18 -2.67 3.22
C GLY A 28 28.88 -3.61 4.20
N ASN A 29 28.73 -4.90 4.01
CA ASN A 29 29.36 -5.86 4.88
C ASN A 29 29.56 -7.22 4.24
N PRO A 30 30.70 -7.40 3.58
CA PRO A 30 31.03 -8.65 2.90
C PRO A 30 31.06 -9.85 3.84
N ALA A 31 31.27 -9.59 5.13
CA ALA A 31 31.31 -10.68 6.09
C ALA A 31 30.01 -11.47 6.07
N ASN A 32 28.90 -10.79 5.81
CA ASN A 32 27.61 -11.47 5.81
C ASN A 32 27.22 -12.13 4.50
N ASN A 33 28.05 -11.95 3.47
CA ASN A 33 27.77 -12.54 2.18
C ASN A 33 27.61 -14.02 2.21
N PRO A 34 26.66 -14.51 1.43
CA PRO A 34 26.45 -15.93 1.27
C PRO A 34 27.69 -16.43 0.53
N THR A 35 27.84 -17.73 0.39
CA THR A 35 29.05 -18.23 -0.27
C THR A 35 28.86 -19.33 -1.30
N GLY A 36 29.82 -19.39 -2.20
CA GLY A 36 29.84 -20.42 -3.22
C GLY A 36 28.75 -20.33 -4.24
N ALA A 37 28.01 -21.43 -4.33
CA ALA A 37 26.92 -21.57 -5.29
C ALA A 37 25.82 -20.53 -5.12
N ALA A 38 25.63 -20.05 -3.90
CA ALA A 38 24.61 -19.07 -3.62
C ALA A 38 25.06 -17.65 -3.83
N PHE A 39 26.37 -17.46 -3.93
CA PHE A 39 26.86 -16.11 -4.08
C PHE A 39 27.51 -15.74 -5.40
N ASP A 40 27.39 -14.46 -5.74
CA ASP A 40 27.99 -13.90 -6.94
C ASP A 40 28.19 -12.40 -6.76
N GLY A 41 29.33 -12.04 -6.18
CA GLY A 41 29.66 -10.67 -5.89
C GLY A 41 29.66 -9.86 -7.16
N THR A 42 29.89 -10.53 -8.27
CA THR A 42 29.92 -9.83 -9.53
C THR A 42 28.53 -9.43 -9.95
N CYS A 43 27.55 -10.08 -9.34
CA CYS A 43 26.15 -9.81 -9.64
C CYS A 43 25.88 -9.92 -11.12
N THR A 44 26.43 -10.97 -11.71
CA THR A 44 26.23 -11.24 -13.12
C THR A 44 25.08 -12.23 -13.23
N ASN A 45 24.84 -12.97 -12.15
CA ASN A 45 23.72 -13.90 -12.12
C ASN A 45 22.66 -13.36 -11.19
N LEU A 46 21.67 -12.73 -11.77
CA LEU A 46 20.60 -12.08 -11.04
C LEU A 46 19.66 -12.98 -10.20
N ARG A 47 20.04 -14.25 -10.01
CA ARG A 47 19.23 -15.16 -9.21
C ARG A 47 19.98 -15.65 -7.97
N LEU A 48 21.27 -15.30 -7.91
CA LEU A 48 22.16 -15.64 -6.82
C LEU A 48 22.22 -14.43 -5.94
N TYR A 49 22.83 -14.58 -4.76
CA TYR A 49 22.98 -13.45 -3.85
C TYR A 49 24.14 -12.61 -4.36
N CYS A 50 23.99 -11.29 -4.27
CA CYS A 50 25.03 -10.36 -4.71
C CYS A 50 25.70 -9.71 -3.48
N GLY A 51 25.05 -9.83 -2.31
CA GLY A 51 25.60 -9.32 -1.06
C GLY A 51 25.05 -8.02 -0.43
N GLY A 52 24.13 -7.35 -1.11
CA GLY A 52 23.57 -6.10 -0.57
C GLY A 52 22.99 -6.30 0.84
N ASP A 53 23.13 -5.28 1.67
CA ASP A 53 22.65 -5.42 3.05
C ASP A 53 22.27 -4.11 3.75
N TRP A 54 21.81 -4.27 4.99
CA TRP A 54 21.38 -3.15 5.79
C TRP A 54 22.48 -2.14 5.99
N GLN A 55 23.72 -2.64 6.07
CA GLN A 55 24.87 -1.75 6.23
C GLN A 55 25.08 -0.89 4.99
N GLY A 56 24.81 -1.50 3.82
CA GLY A 56 24.93 -0.80 2.54
C GLY A 56 23.99 0.39 2.58
N ILE A 57 22.73 0.11 2.95
CA ILE A 57 21.66 1.11 3.05
C ILE A 57 21.99 2.20 4.06
N ILE A 58 22.54 1.78 5.21
CA ILE A 58 22.93 2.76 6.24
C ILE A 58 24.00 3.67 5.65
N ASN A 59 24.96 3.05 4.98
CA ASN A 59 26.07 3.80 4.37
C ASN A 59 25.56 4.82 3.36
N LYS A 60 24.61 4.39 2.53
CA LYS A 60 24.01 5.28 1.55
C LYS A 60 23.11 6.31 2.22
N ILE A 61 22.49 5.95 3.35
CA ILE A 61 21.65 6.91 4.05
C ILE A 61 22.56 7.98 4.64
N ASN A 62 23.72 7.56 5.13
CA ASN A 62 24.68 8.48 5.75
C ASN A 62 25.55 9.31 4.80
N ASP A 63 25.81 8.80 3.60
CA ASP A 63 26.66 9.54 2.65
C ASP A 63 25.93 10.48 1.70
N GLY A 64 24.67 10.76 2.02
CA GLY A 64 23.82 11.67 1.23
C GLY A 64 23.11 11.23 -0.07
N TYR A 65 23.38 10.03 -0.58
CA TYR A 65 22.76 9.62 -1.82
C TYR A 65 21.22 9.74 -1.83
N LEU A 66 20.59 9.15 -0.82
CA LEU A 66 19.13 9.17 -0.70
C LEU A 66 18.62 10.54 -0.29
N THR A 67 19.21 11.12 0.76
CA THR A 67 18.75 12.42 1.21
C THR A 67 18.98 13.52 0.16
N GLY A 68 19.98 13.35 -0.70
CA GLY A 68 20.28 14.31 -1.74
C GLY A 68 19.13 14.32 -2.73
N MET A 69 18.56 13.15 -2.96
CA MET A 69 17.45 12.99 -3.87
C MET A 69 16.12 13.46 -3.26
N GLY A 70 16.11 13.76 -1.97
CA GLY A 70 14.86 14.19 -1.31
C GLY A 70 13.97 13.00 -0.85
N VAL A 71 14.44 11.78 -1.09
CA VAL A 71 13.71 10.60 -0.67
C VAL A 71 13.55 10.71 0.84
N THR A 72 12.37 10.37 1.34
CA THR A 72 12.09 10.52 2.75
C THR A 72 11.50 9.28 3.44
N ALA A 73 11.59 8.13 2.77
CA ALA A 73 11.12 6.84 3.29
C ALA A 73 11.73 5.78 2.39
N ILE A 74 11.91 4.56 2.88
CA ILE A 74 12.49 3.51 2.05
C ILE A 74 11.68 2.26 2.28
N TRP A 75 11.57 1.42 1.26
CA TRP A 75 10.82 0.20 1.43
C TRP A 75 11.76 -0.89 1.08
N ILE A 76 12.12 -1.67 2.09
CA ILE A 76 13.10 -2.73 1.96
C ILE A 76 12.55 -4.14 1.90
N SER A 77 13.36 -5.02 1.33
CA SER A 77 13.03 -6.42 1.22
C SER A 77 12.58 -7.00 2.58
N GLN A 78 11.76 -8.05 2.54
CA GLN A 78 11.29 -8.69 3.75
C GLN A 78 12.49 -9.05 4.61
N PRO A 79 12.56 -8.51 5.82
CA PRO A 79 13.69 -8.74 6.72
C PRO A 79 13.78 -10.15 7.34
N VAL A 80 12.67 -10.88 7.38
CA VAL A 80 12.60 -12.19 8.00
C VAL A 80 13.50 -13.23 7.37
N GLU A 81 13.86 -14.25 8.16
CA GLU A 81 14.76 -15.29 7.69
C GLU A 81 14.15 -16.14 6.61
N ASN A 82 14.87 -16.27 5.49
CA ASN A 82 14.45 -17.06 4.34
C ASN A 82 15.23 -18.37 4.37
N ILE A 83 14.82 -19.33 3.54
CA ILE A 83 15.53 -20.58 3.49
C ILE A 83 16.93 -20.37 2.96
N TYR A 84 17.74 -21.43 3.01
CA TYR A 84 19.13 -21.38 2.58
C TYR A 84 19.34 -22.24 1.36
N SER A 85 18.28 -22.94 0.95
CA SER A 85 18.34 -23.81 -0.19
C SER A 85 18.67 -23.09 -1.48
N ILE A 86 19.50 -23.73 -2.30
CA ILE A 86 19.87 -23.25 -3.63
C ILE A 86 18.99 -24.13 -4.49
N ILE A 87 17.95 -23.55 -5.09
CA ILE A 87 17.02 -24.35 -5.87
C ILE A 87 17.28 -24.28 -7.34
N ASN A 88 17.43 -25.43 -7.98
CA ASN A 88 17.66 -25.48 -9.43
C ASN A 88 16.36 -25.53 -10.20
N TYR A 89 15.94 -24.39 -10.75
CA TYR A 89 14.72 -24.38 -11.53
C TYR A 89 15.04 -24.75 -12.95
N SER A 90 15.30 -26.04 -13.15
CA SER A 90 15.62 -26.57 -14.46
C SER A 90 16.85 -25.90 -15.03
N GLY A 91 18.02 -26.37 -14.62
CA GLY A 91 19.28 -25.85 -15.12
C GLY A 91 19.66 -24.42 -14.70
N VAL A 92 18.92 -23.85 -13.75
CA VAL A 92 19.27 -22.52 -13.27
C VAL A 92 19.13 -22.50 -11.76
N ASN A 93 20.18 -22.03 -11.09
CA ASN A 93 20.23 -21.99 -9.63
C ASN A 93 19.62 -20.72 -9.07
N ASN A 94 18.72 -20.92 -8.12
CA ASN A 94 18.00 -19.85 -7.46
C ASN A 94 18.23 -19.76 -5.95
N THR A 95 18.35 -18.52 -5.49
CA THR A 95 18.52 -18.24 -4.07
C THR A 95 17.32 -17.36 -3.62
N ALA A 96 17.17 -17.22 -2.30
CA ALA A 96 16.07 -16.46 -1.74
C ALA A 96 16.44 -15.02 -1.52
N TYR A 97 17.38 -14.55 -2.35
CA TYR A 97 17.90 -13.18 -2.30
C TYR A 97 16.84 -12.11 -2.29
N HIS A 98 15.62 -12.49 -2.68
CA HIS A 98 14.52 -11.52 -2.80
C HIS A 98 13.68 -11.52 -1.55
N GLY A 99 14.15 -12.21 -0.53
CA GLY A 99 13.46 -12.29 0.75
C GLY A 99 11.98 -12.71 0.79
N TYR A 100 11.50 -13.43 -0.22
CA TYR A 100 10.08 -13.86 -0.24
C TYR A 100 9.86 -15.30 0.21
N TRP A 101 10.94 -16.06 0.33
CA TRP A 101 10.80 -17.44 0.78
C TRP A 101 11.11 -17.45 2.25
N ALA A 102 10.08 -17.27 3.08
CA ALA A 102 10.26 -17.22 4.54
C ALA A 102 10.40 -18.59 5.15
N ARG A 103 10.97 -18.62 6.35
CA ARG A 103 11.18 -19.85 7.10
C ARG A 103 10.97 -19.54 8.59
N ASP A 104 11.26 -18.30 8.98
CA ASP A 104 11.10 -17.84 10.36
C ASP A 104 10.90 -16.31 10.35
N PHE A 105 9.65 -15.89 10.64
CA PHE A 105 9.30 -14.47 10.65
C PHE A 105 9.70 -13.81 11.98
N LYS A 106 10.29 -14.58 12.87
CA LYS A 106 10.74 -14.03 14.14
C LYS A 106 12.25 -13.74 14.22
N LYS A 107 12.94 -13.95 13.09
CA LYS A 107 14.39 -13.70 12.97
C LYS A 107 14.74 -12.94 11.65
N THR A 108 15.96 -12.42 11.55
CA THR A 108 16.36 -11.73 10.30
C THR A 108 17.08 -12.62 9.31
N ASN A 109 17.39 -12.07 8.16
CA ASN A 109 18.11 -12.77 7.12
C ASN A 109 19.57 -12.41 7.31
N PRO A 110 20.36 -13.39 7.76
CA PRO A 110 21.81 -13.19 8.02
C PRO A 110 22.48 -12.42 6.91
N ALA A 111 22.03 -12.65 5.67
CA ALA A 111 22.56 -11.97 4.50
C ALA A 111 22.34 -10.46 4.58
N TYR A 112 21.14 -10.06 5.02
CA TYR A 112 20.82 -8.64 5.18
C TYR A 112 21.48 -8.13 6.45
N GLY A 113 21.37 -8.90 7.53
CA GLY A 113 21.97 -8.49 8.79
C GLY A 113 21.33 -9.20 9.98
N THR A 114 21.61 -8.69 11.19
CA THR A 114 21.07 -9.25 12.44
C THR A 114 20.08 -8.22 12.98
N ILE A 115 19.46 -8.52 14.12
CA ILE A 115 18.53 -7.57 14.71
C ILE A 115 19.31 -6.27 15.01
N ALA A 116 20.51 -6.41 15.56
CA ALA A 116 21.36 -5.27 15.91
C ALA A 116 21.54 -4.41 14.72
N ASP A 117 21.82 -5.05 13.60
CA ASP A 117 22.01 -4.33 12.34
C ASP A 117 20.72 -3.62 11.96
N PHE A 118 19.62 -4.38 12.00
CA PHE A 118 18.31 -3.84 11.68
C PHE A 118 17.97 -2.61 12.54
N GLN A 119 18.21 -2.72 13.84
CA GLN A 119 17.96 -1.62 14.78
C GLN A 119 18.78 -0.43 14.41
N ASN A 120 20.04 -0.69 14.04
CA ASN A 120 20.94 0.37 13.60
C ASN A 120 20.41 0.99 12.34
N LEU A 121 19.83 0.17 11.45
CA LEU A 121 19.25 0.65 10.18
C LEU A 121 18.14 1.63 10.51
N ILE A 122 17.19 1.19 11.34
CA ILE A 122 16.09 2.06 11.77
C ILE A 122 16.61 3.37 12.38
N ALA A 123 17.63 3.26 13.22
CA ALA A 123 18.20 4.42 13.88
C ALA A 123 18.73 5.41 12.88
N ALA A 124 19.68 4.93 12.07
CA ALA A 124 20.32 5.71 11.06
C ALA A 124 19.27 6.39 10.23
N ALA A 125 18.28 5.60 9.82
CA ALA A 125 17.21 6.11 8.98
C ALA A 125 16.45 7.27 9.64
N HIS A 126 15.82 6.99 10.77
CA HIS A 126 15.03 7.99 11.46
C HIS A 126 15.80 9.27 11.70
N ALA A 127 17.10 9.13 11.95
CA ALA A 127 17.97 10.28 12.23
C ALA A 127 18.16 11.19 11.03
N LYS A 128 17.93 10.65 9.84
CA LYS A 128 18.05 11.41 8.62
C LYS A 128 16.66 11.69 8.04
N ASN A 129 15.64 11.51 8.89
CA ASN A 129 14.24 11.75 8.51
C ASN A 129 13.64 10.81 7.45
N ILE A 130 14.23 9.64 7.29
CA ILE A 130 13.73 8.68 6.31
C ILE A 130 12.92 7.63 7.07
N LYS A 131 11.67 7.45 6.72
CA LYS A 131 10.88 6.44 7.41
C LYS A 131 11.33 5.10 6.83
N VAL A 132 11.06 4.01 7.55
CA VAL A 132 11.44 2.68 7.11
C VAL A 132 10.23 1.77 7.00
N ILE A 133 10.02 1.18 5.81
CA ILE A 133 8.91 0.28 5.51
C ILE A 133 9.49 -1.08 5.11
N ILE A 134 8.93 -2.16 5.64
CA ILE A 134 9.44 -3.51 5.34
C ILE A 134 8.43 -4.37 4.58
N ASP A 135 8.91 -5.16 3.63
CA ASP A 135 8.03 -6.07 2.94
C ASP A 135 7.60 -7.10 3.98
N PHE A 136 6.43 -7.69 3.77
CA PHE A 136 5.91 -8.71 4.65
C PHE A 136 5.06 -9.64 3.82
N ALA A 137 5.40 -10.93 3.84
CA ALA A 137 4.71 -11.95 3.04
C ALA A 137 4.08 -13.10 3.84
N PRO A 138 3.06 -12.79 4.64
CA PRO A 138 2.36 -13.78 5.46
C PRO A 138 1.54 -14.80 4.67
N ASN A 139 1.66 -14.79 3.35
CA ASN A 139 0.88 -15.71 2.52
C ASN A 139 1.39 -17.15 2.57
N HIS A 140 2.69 -17.30 2.33
CA HIS A 140 3.32 -18.61 2.26
C HIS A 140 4.64 -18.57 2.98
N THR A 141 5.41 -19.62 2.77
CA THR A 141 6.75 -19.74 3.32
C THR A 141 7.76 -19.82 2.19
N SER A 142 8.03 -21.03 1.69
CA SER A 142 9.03 -21.24 0.63
C SER A 142 8.61 -22.36 -0.35
N PRO A 143 9.40 -22.58 -1.41
CA PRO A 143 9.04 -23.63 -2.37
C PRO A 143 9.00 -24.96 -1.64
N ALA A 144 8.06 -25.80 -2.00
CA ALA A 144 7.91 -27.08 -1.32
C ALA A 144 7.26 -28.14 -2.19
N SER A 145 7.47 -29.38 -1.79
CA SER A 145 6.90 -30.52 -2.47
C SER A 145 6.38 -31.44 -1.40
N SER A 146 5.08 -31.72 -1.46
CA SER A 146 4.42 -32.56 -0.48
C SER A 146 4.97 -33.98 -0.45
N ASP A 147 5.18 -34.56 -1.64
CA ASP A 147 5.71 -35.93 -1.72
C ASP A 147 7.24 -35.98 -1.57
N GLN A 148 7.91 -35.00 -2.20
CA GLN A 148 9.35 -34.90 -2.21
C GLN A 148 9.87 -33.88 -1.21
N PRO A 149 9.83 -34.26 0.06
CA PRO A 149 10.26 -33.36 1.14
C PRO A 149 11.74 -33.00 1.07
N SER A 150 12.50 -33.73 0.27
CA SER A 150 13.93 -33.46 0.11
C SER A 150 14.05 -32.18 -0.70
N PHE A 151 12.96 -31.77 -1.35
CA PHE A 151 12.96 -30.57 -2.16
C PHE A 151 12.96 -29.29 -1.33
N ALA A 152 14.03 -28.51 -1.48
CA ALA A 152 14.21 -27.27 -0.73
C ALA A 152 14.13 -27.57 0.75
N GLU A 153 13.61 -26.63 1.53
CA GLU A 153 13.48 -26.83 2.95
C GLU A 153 12.06 -27.27 3.28
N ASN A 154 11.40 -27.84 2.29
CA ASN A 154 10.03 -28.32 2.44
C ASN A 154 9.06 -27.26 2.91
N GLY A 155 9.34 -26.01 2.57
CA GLY A 155 8.48 -24.89 2.98
C GLY A 155 8.26 -24.90 4.49
N ARG A 156 9.31 -25.32 5.21
CA ARG A 156 9.27 -25.47 6.67
C ARG A 156 9.16 -24.17 7.47
N LEU A 157 8.19 -24.15 8.38
CA LEU A 157 7.93 -23.00 9.24
C LEU A 157 8.59 -23.13 10.63
N TYR A 158 9.32 -22.10 11.05
CA TYR A 158 10.00 -22.09 12.36
C TYR A 158 9.55 -20.88 13.17
N ASP A 159 9.33 -21.10 14.46
CA ASP A 159 8.92 -20.02 15.35
C ASP A 159 10.12 -19.68 16.20
N ASN A 160 10.88 -18.70 15.74
CA ASN A 160 12.08 -18.30 16.44
C ASN A 160 12.96 -19.51 16.76
N GLY A 161 13.22 -20.34 15.76
CA GLY A 161 14.08 -21.50 15.96
C GLY A 161 13.38 -22.83 16.09
N THR A 162 12.19 -22.84 16.68
CA THR A 162 11.43 -24.07 16.86
C THR A 162 10.66 -24.45 15.60
N LEU A 163 10.80 -25.68 15.16
CA LEU A 163 10.02 -26.09 14.00
C LEU A 163 8.53 -26.06 14.38
N LEU A 164 7.72 -25.35 13.61
CA LEU A 164 6.28 -25.33 13.83
C LEU A 164 5.80 -26.53 13.03
N GLY A 165 6.37 -26.69 11.84
CA GLY A 165 6.05 -27.81 10.95
C GLY A 165 6.52 -27.48 9.53
N GLY A 166 6.35 -28.44 8.64
CA GLY A 166 6.74 -28.28 7.23
C GLY A 166 5.63 -28.81 6.28
N TYR A 167 5.83 -28.59 4.98
CA TYR A 167 4.86 -28.98 3.98
C TYR A 167 4.46 -30.44 3.91
N THR A 168 5.43 -31.35 4.00
CA THR A 168 5.10 -32.79 3.97
C THR A 168 4.60 -33.19 5.36
N ASN A 169 3.79 -34.24 5.44
CA ASN A 169 3.20 -34.69 6.73
C ASN A 169 2.63 -33.52 7.53
N ASP A 170 1.86 -32.65 6.85
CA ASP A 170 1.29 -31.49 7.51
C ASP A 170 0.01 -31.85 8.24
N THR A 171 0.17 -32.56 9.37
CA THR A 171 -0.98 -32.99 10.15
C THR A 171 -1.75 -31.86 10.80
N GLN A 172 -1.04 -30.85 11.28
CA GLN A 172 -1.71 -29.71 11.90
C GLN A 172 -2.46 -28.93 10.85
N ASN A 173 -2.08 -29.13 9.60
CA ASN A 173 -2.68 -28.40 8.51
C ASN A 173 -2.25 -26.95 8.63
N LEU A 174 -0.96 -26.74 8.76
CA LEU A 174 -0.46 -25.37 8.88
C LEU A 174 -0.48 -24.79 7.48
N PHE A 175 -0.58 -25.67 6.49
CA PHE A 175 -0.57 -25.31 5.08
C PHE A 175 -1.83 -25.80 4.36
N HIS A 176 -2.06 -25.28 3.17
CA HIS A 176 -3.19 -25.68 2.35
C HIS A 176 -2.60 -26.72 1.41
N HIS A 177 -3.42 -27.65 0.98
CA HIS A 177 -2.97 -28.67 0.07
C HIS A 177 -4.00 -28.84 -1.06
N ASN A 178 -4.34 -27.71 -1.67
CA ASN A 178 -5.33 -27.63 -2.74
C ASN A 178 -4.70 -27.42 -4.12
N GLY A 179 -3.41 -27.72 -4.22
CA GLY A 179 -2.71 -27.58 -5.49
C GLY A 179 -2.27 -26.13 -5.69
N GLY A 180 -2.02 -25.77 -6.94
CA GLY A 180 -1.58 -24.43 -7.31
C GLY A 180 -2.72 -23.68 -8.00
N THR A 181 -2.63 -22.36 -8.01
CA THR A 181 -3.66 -21.54 -8.62
C THR A 181 -3.45 -21.31 -10.11
N ASP A 182 -4.55 -21.07 -10.82
CA ASP A 182 -4.49 -20.77 -12.25
C ASP A 182 -4.92 -19.32 -12.42
N PHE A 183 -5.19 -18.67 -11.29
CA PHE A 183 -5.59 -17.26 -11.26
C PHE A 183 -6.93 -17.10 -11.96
N SER A 184 -7.60 -18.21 -12.19
CA SER A 184 -8.89 -18.17 -12.86
C SER A 184 -9.98 -17.43 -12.07
N THR A 185 -10.03 -17.64 -10.76
CA THR A 185 -11.00 -16.97 -9.92
C THR A 185 -10.28 -16.44 -8.70
N THR A 186 -10.90 -15.47 -8.01
CA THR A 186 -10.30 -14.88 -6.82
C THR A 186 -10.17 -15.86 -5.65
N GLU A 187 -11.12 -16.79 -5.51
CA GLU A 187 -11.02 -17.77 -4.42
C GLU A 187 -10.00 -18.81 -4.80
N ASN A 188 -9.84 -19.04 -6.10
CA ASN A 188 -8.87 -20.02 -6.63
C ASN A 188 -7.46 -19.63 -6.24
N GLY A 189 -7.10 -18.38 -6.53
CA GLY A 189 -5.78 -17.86 -6.25
C GLY A 189 -5.54 -17.57 -4.77
N ILE A 190 -6.53 -17.84 -3.94
CA ILE A 190 -6.39 -17.62 -2.50
C ILE A 190 -6.13 -18.94 -1.72
N TYR A 191 -6.96 -19.95 -1.99
CA TYR A 191 -6.84 -21.25 -1.34
C TYR A 191 -5.97 -22.28 -2.04
N LYS A 192 -5.23 -21.85 -3.06
CA LYS A 192 -4.31 -22.70 -3.79
C LYS A 192 -2.93 -22.04 -3.67
N ASN A 193 -1.86 -22.83 -3.85
CA ASN A 193 -0.50 -22.31 -3.70
C ASN A 193 -0.08 -21.38 -4.81
N LEU A 194 0.44 -20.21 -4.47
CA LEU A 194 0.98 -19.27 -5.45
C LEU A 194 2.20 -20.00 -6.00
N TYR A 195 2.21 -20.37 -7.27
CA TYR A 195 3.35 -21.13 -7.80
C TYR A 195 3.56 -22.39 -6.97
N ASP A 196 4.79 -22.63 -6.52
CA ASP A 196 5.08 -23.82 -5.74
C ASP A 196 5.32 -23.47 -4.29
N LEU A 197 4.98 -22.24 -3.92
CA LEU A 197 5.22 -21.77 -2.56
C LEU A 197 4.18 -22.29 -1.56
N ALA A 198 4.68 -22.97 -0.51
CA ALA A 198 3.81 -23.50 0.55
C ALA A 198 2.84 -22.44 1.07
N ASP A 199 1.56 -22.65 0.80
CA ASP A 199 0.51 -21.71 1.20
C ASP A 199 0.11 -21.87 2.67
N LEU A 200 0.39 -20.83 3.46
CA LEU A 200 0.04 -20.85 4.86
C LEU A 200 -1.49 -20.88 4.99
N ASN A 201 -1.98 -21.57 6.02
CA ASN A 201 -3.42 -21.68 6.25
C ASN A 201 -3.84 -20.84 7.45
N HIS A 202 -4.26 -19.60 7.18
CA HIS A 202 -4.66 -18.70 8.25
C HIS A 202 -5.78 -19.12 9.15
N ASN A 203 -6.58 -20.09 8.73
CA ASN A 203 -7.67 -20.56 9.58
C ASN A 203 -7.10 -21.40 10.73
N ASN A 204 -5.83 -21.78 10.62
CA ASN A 204 -5.20 -22.55 11.66
C ASN A 204 -4.82 -21.56 12.78
N SER A 205 -5.26 -21.84 14.00
CA SER A 205 -5.02 -20.93 15.11
C SER A 205 -3.56 -20.57 15.31
N THR A 206 -2.71 -21.58 15.15
CA THR A 206 -1.26 -21.44 15.33
C THR A 206 -0.71 -20.46 14.33
N VAL A 207 -1.09 -20.64 13.08
CA VAL A 207 -0.61 -19.79 12.00
C VAL A 207 -1.00 -18.34 12.23
N ASP A 208 -2.27 -18.17 12.59
CA ASP A 208 -2.88 -16.86 12.84
C ASP A 208 -2.26 -16.13 14.03
N VAL A 209 -2.13 -16.80 15.15
CA VAL A 209 -1.51 -16.18 16.32
C VAL A 209 -0.03 -15.91 16.08
N TYR A 210 0.63 -16.85 15.38
CA TYR A 210 2.04 -16.72 15.05
C TYR A 210 2.37 -15.54 14.09
N LEU A 211 1.56 -15.35 13.05
CA LEU A 211 1.84 -14.26 12.11
C LEU A 211 1.46 -12.94 12.77
N LYS A 212 0.59 -13.04 13.77
CA LYS A 212 0.18 -11.85 14.51
C LYS A 212 1.22 -11.43 15.57
N ASP A 213 1.85 -12.41 16.22
CA ASP A 213 2.88 -12.13 17.21
C ASP A 213 4.15 -11.68 16.49
N ALA A 214 4.41 -12.29 15.33
CA ALA A 214 5.59 -11.97 14.51
C ALA A 214 5.65 -10.51 14.12
N ILE A 215 4.57 -9.95 13.58
CA ILE A 215 4.59 -8.53 13.21
C ILE A 215 4.62 -7.56 14.41
N LYS A 216 4.31 -8.04 15.62
CA LYS A 216 4.37 -7.17 16.79
C LYS A 216 5.86 -7.00 17.03
N MET A 217 6.61 -8.09 16.78
CA MET A 217 8.06 -8.06 16.92
C MET A 217 8.65 -6.93 16.09
N TRP A 218 8.28 -6.88 14.82
CA TRP A 218 8.77 -5.83 13.91
C TRP A 218 8.28 -4.41 14.26
N LEU A 219 7.04 -4.31 14.72
CA LEU A 219 6.49 -3.02 15.14
C LEU A 219 7.29 -2.59 16.38
N ASP A 220 7.75 -3.57 17.15
CA ASP A 220 8.52 -3.28 18.33
C ASP A 220 9.91 -2.81 17.93
N LEU A 221 10.45 -3.43 16.90
CA LEU A 221 11.77 -3.05 16.44
C LEU A 221 11.81 -1.60 15.94
N GLY A 222 10.66 -1.04 15.58
CA GLY A 222 10.61 0.36 15.14
C GLY A 222 10.15 0.72 13.73
N ILE A 223 9.62 -0.23 12.96
CA ILE A 223 9.17 0.10 11.59
C ILE A 223 8.09 1.20 11.47
N ASP A 224 8.06 1.89 10.34
CA ASP A 224 7.08 2.97 10.09
C ASP A 224 5.94 2.60 9.15
N GLY A 225 6.02 1.43 8.56
CA GLY A 225 4.98 0.98 7.63
C GLY A 225 5.22 -0.47 7.18
N ILE A 226 4.26 -1.05 6.48
CA ILE A 226 4.39 -2.41 6.02
C ILE A 226 3.87 -2.53 4.61
N ARG A 227 4.64 -3.22 3.75
CA ARG A 227 4.19 -3.49 2.39
C ARG A 227 3.74 -4.93 2.35
N MET A 228 2.43 -5.14 2.49
CA MET A 228 1.86 -6.49 2.45
C MET A 228 1.97 -7.19 1.09
N ASN A 229 2.56 -8.38 1.10
CA ASN A 229 2.73 -9.09 -0.13
C ASN A 229 1.54 -9.95 -0.53
N ALA A 230 1.25 -9.98 -1.83
CA ALA A 230 0.20 -10.83 -2.39
C ALA A 230 -1.10 -10.81 -1.61
N VAL A 231 -1.76 -9.66 -1.58
CA VAL A 231 -2.98 -9.51 -0.83
C VAL A 231 -4.18 -10.16 -1.47
N LYS A 232 -4.18 -10.28 -2.78
CA LYS A 232 -5.27 -10.91 -3.52
C LYS A 232 -5.20 -12.42 -3.28
N HIS A 233 -4.10 -12.88 -2.69
CA HIS A 233 -3.89 -14.31 -2.48
C HIS A 233 -4.02 -14.80 -1.05
N MET A 234 -4.57 -13.95 -0.20
CA MET A 234 -4.81 -14.26 1.20
C MET A 234 -6.28 -13.89 1.44
N PRO A 235 -6.96 -14.64 2.31
CA PRO A 235 -8.34 -14.38 2.61
C PRO A 235 -8.43 -12.93 3.05
N PHE A 236 -9.50 -12.25 2.66
CA PHE A 236 -9.65 -10.86 3.00
C PHE A 236 -10.05 -10.61 4.45
N GLY A 237 -10.98 -11.41 4.97
CA GLY A 237 -11.44 -11.28 6.35
C GLY A 237 -10.24 -11.45 7.29
N TRP A 238 -9.39 -12.42 6.99
CA TRP A 238 -8.24 -12.63 7.83
C TRP A 238 -7.40 -11.37 7.78
N GLN A 239 -7.23 -10.82 6.58
CA GLN A 239 -6.42 -9.63 6.45
C GLN A 239 -6.96 -8.47 7.24
N LYS A 240 -8.29 -8.32 7.27
CA LYS A 240 -8.84 -7.23 8.06
C LYS A 240 -8.46 -7.49 9.51
N SER A 241 -8.62 -8.74 9.95
CA SER A 241 -8.28 -9.13 11.31
C SER A 241 -6.79 -8.90 11.62
N PHE A 242 -5.92 -8.99 10.60
CA PHE A 242 -4.50 -8.76 10.80
C PHE A 242 -4.27 -7.28 11.05
N MET A 243 -4.93 -6.46 10.22
CA MET A 243 -4.83 -5.02 10.30
C MET A 243 -5.43 -4.50 11.58
N ALA A 244 -6.34 -5.28 12.14
CA ALA A 244 -6.97 -4.90 13.41
C ALA A 244 -5.95 -5.05 14.55
N ALA A 245 -5.22 -6.16 14.57
CA ALA A 245 -4.18 -6.42 15.57
C ALA A 245 -3.14 -5.31 15.46
N VAL A 246 -2.70 -5.04 14.24
CA VAL A 246 -1.73 -3.99 14.01
C VAL A 246 -2.24 -2.64 14.49
N ASN A 247 -3.41 -2.23 14.00
CA ASN A 247 -3.92 -0.92 14.39
C ASN A 247 -4.27 -0.81 15.86
N ASN A 248 -4.77 -1.89 16.44
CA ASN A 248 -5.19 -1.85 17.83
C ASN A 248 -4.05 -2.02 18.82
N TYR A 249 -2.84 -2.19 18.28
CA TYR A 249 -1.64 -2.33 19.10
C TYR A 249 -0.73 -1.18 18.78
N LYS A 250 -0.14 -1.21 17.59
CA LYS A 250 0.76 -0.15 17.10
C LYS A 250 0.43 0.07 15.61
N PRO A 251 -0.40 1.06 15.31
CA PRO A 251 -0.79 1.30 13.90
C PRO A 251 0.30 1.93 13.01
N VAL A 252 0.48 1.39 11.81
CA VAL A 252 1.48 1.94 10.87
C VAL A 252 0.97 1.85 9.43
N PHE A 253 1.28 2.87 8.60
CA PHE A 253 0.89 2.91 7.17
C PHE A 253 1.15 1.57 6.51
N THR A 254 0.09 0.95 5.99
CA THR A 254 0.22 -0.36 5.35
C THR A 254 -0.51 -0.39 4.01
N PHE A 255 0.17 -0.87 2.98
CA PHE A 255 -0.41 -0.98 1.65
C PHE A 255 -0.11 -2.35 1.15
N GLY A 256 -1.06 -2.96 0.43
CA GLY A 256 -0.89 -4.31 -0.06
C GLY A 256 -0.65 -4.37 -1.55
N GLN A 257 -0.25 -5.56 -2.02
CA GLN A 257 0.02 -5.80 -3.44
C GLN A 257 -1.05 -6.63 -4.16
N TRP A 258 -1.92 -5.94 -4.89
CA TRP A 258 -2.98 -6.56 -5.66
C TRP A 258 -2.72 -6.16 -7.11
N PHE A 259 -2.03 -7.04 -7.84
CA PHE A 259 -1.68 -6.76 -9.22
C PHE A 259 -2.89 -6.50 -10.13
N LEU A 260 -2.83 -5.41 -10.90
CA LEU A 260 -3.90 -5.07 -11.83
C LEU A 260 -3.28 -5.03 -13.22
N GLY A 261 -3.92 -5.68 -14.18
CA GLY A 261 -3.41 -5.75 -15.53
C GLY A 261 -3.63 -4.44 -16.25
N VAL A 262 -3.06 -4.34 -17.45
CA VAL A 262 -3.24 -3.15 -18.25
C VAL A 262 -4.72 -3.02 -18.51
N ASN A 263 -5.24 -1.80 -18.45
CA ASN A 263 -6.65 -1.60 -18.72
C ASN A 263 -7.55 -2.27 -17.69
N GLU A 264 -6.98 -2.90 -16.67
CA GLU A 264 -7.80 -3.55 -15.64
C GLU A 264 -8.31 -2.62 -14.53
N VAL A 265 -9.60 -2.71 -14.27
CA VAL A 265 -10.22 -1.90 -13.22
C VAL A 265 -11.07 -2.84 -12.39
N SER A 266 -10.59 -3.16 -11.19
CA SER A 266 -11.27 -4.10 -10.31
C SER A 266 -12.06 -3.48 -9.14
N PRO A 267 -13.35 -3.82 -9.04
CA PRO A 267 -14.14 -3.31 -7.93
C PRO A 267 -13.77 -4.08 -6.67
N GLU A 268 -13.35 -5.33 -6.85
CA GLU A 268 -12.92 -6.16 -5.74
C GLU A 268 -11.73 -5.46 -5.13
N ASN A 269 -10.87 -4.95 -6.00
CA ASN A 269 -9.66 -4.26 -5.58
C ASN A 269 -10.07 -3.02 -4.84
N HIS A 270 -10.96 -2.25 -5.45
CA HIS A 270 -11.45 -1.02 -4.83
C HIS A 270 -11.98 -1.29 -3.42
N LYS A 271 -12.88 -2.27 -3.30
CA LYS A 271 -13.49 -2.62 -2.02
C LYS A 271 -12.50 -3.01 -0.98
N PHE A 272 -11.48 -3.76 -1.40
CA PHE A 272 -10.43 -4.19 -0.48
C PHE A 272 -9.74 -2.94 0.09
N ALA A 273 -9.32 -2.02 -0.77
CA ALA A 273 -8.69 -0.80 -0.30
C ALA A 273 -9.67 0.06 0.55
N ASN A 274 -10.96 -0.16 0.35
CA ASN A 274 -11.93 0.64 1.04
C ASN A 274 -12.39 0.17 2.42
N GLU A 275 -12.37 -1.13 2.64
CA GLU A 275 -12.81 -1.67 3.92
C GLU A 275 -11.93 -2.75 4.53
N SER A 276 -10.63 -2.72 4.25
CA SER A 276 -9.74 -3.77 4.73
C SER A 276 -8.77 -3.34 5.80
N GLY A 277 -8.58 -2.04 5.94
CA GLY A 277 -7.64 -1.52 6.94
C GLY A 277 -6.30 -1.10 6.34
N MET A 278 -6.07 -1.50 5.09
CA MET A 278 -4.82 -1.16 4.41
C MET A 278 -5.12 -0.58 3.03
N SER A 279 -4.23 0.25 2.53
CA SER A 279 -4.36 0.81 1.19
C SER A 279 -3.69 -0.23 0.29
N LEU A 280 -3.42 0.15 -0.95
CA LEU A 280 -2.77 -0.77 -1.88
C LEU A 280 -1.85 -0.04 -2.85
N LEU A 281 -1.11 -0.80 -3.64
CA LEU A 281 -0.25 -0.21 -4.65
C LEU A 281 -1.14 0.16 -5.84
N ASP A 282 -0.95 1.36 -6.39
CA ASP A 282 -1.76 1.86 -7.48
C ASP A 282 -1.36 1.27 -8.84
N PHE A 283 -1.70 0.02 -9.10
CA PHE A 283 -1.35 -0.56 -10.38
C PHE A 283 -2.14 0.12 -11.50
N ARG A 284 -3.36 0.50 -11.19
CA ARG A 284 -4.21 1.18 -12.16
C ARG A 284 -3.47 2.42 -12.61
N PHE A 285 -2.95 3.16 -11.65
CA PHE A 285 -2.19 4.38 -11.93
C PHE A 285 -0.93 4.07 -12.74
N ALA A 286 -0.19 3.05 -12.30
CA ALA A 286 1.05 2.64 -12.93
C ALA A 286 0.88 2.19 -14.36
N GLN A 287 -0.09 1.32 -14.58
CA GLN A 287 -0.33 0.80 -15.90
C GLN A 287 -0.72 1.90 -16.89
N LYS A 288 -1.58 2.81 -16.47
CA LYS A 288 -2.03 3.91 -17.32
C LYS A 288 -0.93 4.92 -17.60
N VAL A 289 -0.06 5.15 -16.63
CA VAL A 289 1.05 6.10 -16.81
C VAL A 289 1.99 5.51 -17.85
N ARG A 290 2.20 4.20 -17.76
CA ARG A 290 3.05 3.46 -18.68
C ARG A 290 2.50 3.51 -20.09
N GLN A 291 1.19 3.25 -20.17
CA GLN A 291 0.45 3.24 -21.41
C GLN A 291 0.59 4.57 -22.08
N VAL A 292 0.52 5.64 -21.29
CA VAL A 292 0.59 6.99 -21.82
C VAL A 292 2.01 7.58 -22.04
N PHE A 293 2.91 7.40 -21.07
CA PHE A 293 4.26 7.95 -21.15
C PHE A 293 5.31 7.00 -21.70
N ARG A 294 5.03 5.71 -21.70
CA ARG A 294 6.00 4.75 -22.20
C ARG A 294 5.58 4.00 -23.49
N ASP A 295 4.63 3.07 -23.36
CA ASP A 295 4.17 2.29 -24.51
C ASP A 295 3.36 3.03 -25.58
N ASN A 296 2.90 4.24 -25.28
CA ASN A 296 2.13 4.95 -26.28
C ASN A 296 0.84 4.19 -26.69
N THR A 297 0.08 3.71 -25.71
CA THR A 297 -1.14 2.95 -26.01
C THR A 297 -2.43 3.66 -25.56
N ASP A 298 -2.29 4.86 -25.02
CA ASP A 298 -3.43 5.67 -24.60
C ASP A 298 -2.89 7.10 -24.45
N ASN A 299 -3.76 8.08 -24.55
CA ASN A 299 -3.34 9.47 -24.46
C ASN A 299 -3.69 10.14 -23.15
N MET A 300 -3.58 11.47 -23.14
CA MET A 300 -3.86 12.24 -21.95
C MET A 300 -5.31 12.08 -21.45
N TYR A 301 -6.26 11.83 -22.36
CA TYR A 301 -7.63 11.66 -21.93
C TYR A 301 -7.73 10.42 -21.02
N GLY A 302 -6.96 9.38 -21.37
CA GLY A 302 -6.93 8.13 -20.62
C GLY A 302 -6.33 8.34 -19.23
N LEU A 303 -5.27 9.14 -19.14
CA LEU A 303 -4.64 9.44 -17.86
C LEU A 303 -5.63 10.24 -16.96
N LYS A 304 -6.35 11.17 -17.59
CA LYS A 304 -7.34 12.01 -16.91
C LYS A 304 -8.51 11.18 -16.39
N ALA A 305 -9.08 10.35 -17.25
CA ALA A 305 -10.18 9.50 -16.83
C ALA A 305 -9.70 8.62 -15.69
N MET A 306 -8.43 8.20 -15.76
CA MET A 306 -7.82 7.35 -14.74
C MET A 306 -7.83 8.13 -13.43
N LEU A 307 -7.31 9.35 -13.49
CA LEU A 307 -7.26 10.20 -12.30
C LEU A 307 -8.63 10.46 -11.67
N GLU A 308 -9.64 10.67 -12.51
CA GLU A 308 -11.00 10.90 -12.04
C GLU A 308 -11.71 9.66 -11.51
N GLY A 309 -11.60 8.55 -12.22
CA GLY A 309 -12.23 7.34 -11.76
C GLY A 309 -11.62 6.95 -10.43
N SER A 310 -10.30 6.74 -10.45
CA SER A 310 -9.54 6.36 -9.27
C SER A 310 -9.89 7.23 -8.03
N ALA A 311 -10.07 8.53 -8.26
CA ALA A 311 -10.39 9.49 -7.22
C ALA A 311 -11.77 9.27 -6.63
N ALA A 312 -12.61 8.56 -7.34
CA ALA A 312 -13.96 8.30 -6.89
C ALA A 312 -14.13 6.86 -6.44
N ASP A 313 -13.41 5.96 -7.08
CA ASP A 313 -13.50 4.55 -6.76
C ASP A 313 -12.72 4.23 -5.48
N TYR A 314 -11.85 5.15 -5.08
CA TYR A 314 -11.05 4.96 -3.87
C TYR A 314 -11.48 5.88 -2.75
N ALA A 315 -11.94 5.26 -1.67
CA ALA A 315 -12.34 6.00 -0.48
C ALA A 315 -11.16 6.89 -0.10
N GLN A 316 -9.97 6.29 0.04
CA GLN A 316 -8.74 7.07 0.33
C GLN A 316 -7.75 6.96 -0.84
N VAL A 317 -7.96 7.75 -1.89
CA VAL A 317 -7.06 7.71 -3.02
C VAL A 317 -5.67 8.22 -2.58
N ASP A 318 -5.66 9.09 -1.58
CA ASP A 318 -4.41 9.64 -1.10
C ASP A 318 -3.57 8.66 -0.32
N ASP A 319 -4.02 7.42 -0.25
CA ASP A 319 -3.29 6.37 0.46
C ASP A 319 -2.79 5.31 -0.49
N GLN A 320 -3.03 5.50 -1.78
CA GLN A 320 -2.58 4.53 -2.77
C GLN A 320 -1.19 4.93 -3.09
N VAL A 321 -0.31 3.94 -3.09
CA VAL A 321 1.10 4.13 -3.34
C VAL A 321 1.40 3.97 -4.81
N THR A 322 1.66 5.10 -5.47
CA THR A 322 1.93 5.11 -6.92
C THR A 322 3.33 4.68 -7.34
N PHE A 323 3.50 4.44 -8.65
CA PHE A 323 4.79 4.04 -9.21
C PHE A 323 4.69 3.91 -10.72
N ILE A 324 5.84 3.86 -11.39
CA ILE A 324 5.95 3.70 -12.85
C ILE A 324 6.53 2.31 -13.23
N ASP A 325 7.06 1.63 -12.22
CA ASP A 325 7.59 0.29 -12.39
C ASP A 325 7.96 -0.38 -11.09
N ASN A 326 8.47 -1.60 -11.17
CA ASN A 326 8.87 -2.35 -9.98
C ASN A 326 9.53 -3.70 -10.34
N HIS A 327 9.92 -4.46 -9.31
CA HIS A 327 10.58 -5.76 -9.52
C HIS A 327 9.85 -6.81 -10.37
N ASP A 328 8.60 -6.55 -10.71
CA ASP A 328 7.86 -7.52 -11.52
C ASP A 328 7.40 -6.95 -12.86
N MET A 329 7.93 -5.81 -13.25
CA MET A 329 7.59 -5.23 -14.55
C MET A 329 8.94 -4.92 -15.19
N GLU A 330 8.99 -4.81 -16.51
CA GLU A 330 10.26 -4.44 -17.13
C GLU A 330 10.47 -3.03 -16.58
N ARG A 331 11.70 -2.57 -16.44
CA ARG A 331 11.90 -1.22 -15.91
C ARG A 331 11.39 -0.20 -16.96
N PHE A 332 10.70 0.81 -16.48
CA PHE A 332 10.10 1.84 -17.35
C PHE A 332 10.92 2.31 -18.54
N HIS A 333 12.23 2.48 -18.33
CA HIS A 333 13.14 2.97 -19.38
C HIS A 333 13.81 1.91 -20.25
N ALA A 334 13.59 2.01 -21.56
CA ALA A 334 14.16 1.09 -22.56
C ALA A 334 15.49 1.68 -23.00
N SER A 335 16.46 0.81 -23.26
CA SER A 335 17.80 1.27 -23.67
C SER A 335 17.68 2.21 -24.83
N ASN A 336 16.79 1.86 -25.75
CA ASN A 336 16.56 2.64 -26.93
C ASN A 336 15.66 3.85 -26.73
N ALA A 337 14.87 3.84 -25.66
CA ALA A 337 13.90 4.92 -25.42
C ALA A 337 14.45 6.29 -25.06
N ASN A 338 13.66 7.33 -25.36
CA ASN A 338 14.04 8.71 -25.03
C ASN A 338 13.92 8.88 -23.52
N ARG A 339 15.04 9.14 -22.88
CA ARG A 339 15.10 9.33 -21.45
C ARG A 339 14.03 10.29 -20.94
N ARG A 340 13.65 11.26 -21.76
CA ARG A 340 12.67 12.26 -21.34
C ARG A 340 11.33 11.65 -20.97
N LYS A 341 11.08 10.43 -21.38
CA LYS A 341 9.83 9.80 -21.07
C LYS A 341 9.77 9.30 -19.63
N LEU A 342 10.88 8.78 -19.12
CA LEU A 342 10.92 8.34 -17.72
C LEU A 342 10.93 9.60 -16.87
N GLU A 343 11.63 10.62 -17.34
CA GLU A 343 11.69 11.85 -16.59
C GLU A 343 10.31 12.47 -16.31
N GLN A 344 9.49 12.69 -17.35
CA GLN A 344 8.15 13.24 -17.11
C GLN A 344 7.22 12.34 -16.31
N ALA A 345 7.32 11.02 -16.49
CA ALA A 345 6.52 10.06 -15.72
C ALA A 345 6.89 10.15 -14.23
N LEU A 346 8.16 10.40 -13.94
CA LEU A 346 8.56 10.53 -12.56
C LEU A 346 7.90 11.79 -12.00
N ALA A 347 8.11 12.90 -12.68
CA ALA A 347 7.55 14.16 -12.22
C ALA A 347 6.06 14.05 -12.08
N PHE A 348 5.43 13.35 -13.01
CA PHE A 348 4.00 13.16 -12.96
C PHE A 348 3.65 12.53 -11.64
N THR A 349 4.29 11.40 -11.32
CA THR A 349 4.04 10.67 -10.06
C THR A 349 4.30 11.51 -8.81
N LEU A 350 5.50 12.05 -8.72
CA LEU A 350 5.89 12.91 -7.60
C LEU A 350 4.95 14.09 -7.32
N THR A 351 4.18 14.51 -8.34
CA THR A 351 3.29 15.65 -8.14
C THR A 351 1.80 15.26 -8.09
N SER A 352 1.55 13.95 -8.19
CA SER A 352 0.19 13.38 -8.17
C SER A 352 -0.23 12.87 -6.79
N ARG A 353 -1.54 12.73 -6.59
CA ARG A 353 -2.10 12.29 -5.33
C ARG A 353 -1.55 10.92 -4.98
N GLY A 354 -1.72 10.53 -3.72
CA GLY A 354 -1.25 9.24 -3.25
C GLY A 354 0.15 9.38 -2.64
N VAL A 355 0.88 8.27 -2.59
CA VAL A 355 2.23 8.22 -2.02
C VAL A 355 3.19 7.68 -3.11
N PRO A 356 4.03 8.55 -3.65
CA PRO A 356 4.97 8.15 -4.68
C PRO A 356 6.00 7.11 -4.20
N ALA A 357 6.36 6.18 -5.07
CA ALA A 357 7.36 5.15 -4.76
C ALA A 357 8.28 5.01 -5.98
N ILE A 358 9.57 5.29 -5.80
CA ILE A 358 10.54 5.16 -6.87
C ILE A 358 11.31 3.87 -6.69
N TYR A 359 11.37 3.07 -7.75
CA TYR A 359 12.07 1.78 -7.74
C TYR A 359 13.55 2.08 -7.83
N TYR A 360 14.34 1.46 -6.96
CA TYR A 360 15.79 1.73 -6.94
C TYR A 360 16.44 1.64 -8.32
N GLY A 361 17.15 2.68 -8.73
CA GLY A 361 17.84 2.62 -10.02
C GLY A 361 17.20 3.41 -11.14
N THR A 362 15.93 3.77 -10.95
CA THR A 362 15.19 4.54 -11.94
C THR A 362 15.97 5.81 -12.26
N GLU A 363 16.31 6.52 -11.20
CA GLU A 363 17.08 7.76 -11.25
C GLU A 363 18.47 7.62 -11.92
N GLN A 364 18.87 6.37 -12.18
CA GLN A 364 20.15 6.05 -12.84
C GLN A 364 19.91 5.36 -14.19
N TYR A 365 18.81 5.75 -14.87
CA TYR A 365 18.38 5.17 -16.16
C TYR A 365 18.49 3.67 -16.43
N MET A 366 18.36 2.89 -15.38
CA MET A 366 18.40 1.44 -15.49
C MET A 366 17.28 0.87 -16.39
N SER A 367 17.65 -0.13 -17.19
CA SER A 367 16.70 -0.83 -18.07
C SER A 367 16.90 -2.33 -17.91
N GLY A 368 15.92 -3.10 -18.34
CA GLY A 368 16.01 -4.54 -18.25
C GLY A 368 14.61 -5.12 -18.32
N GLY A 369 14.51 -6.39 -18.63
CA GLY A 369 13.22 -7.05 -18.76
C GLY A 369 12.72 -7.52 -17.43
N THR A 370 11.82 -8.50 -17.44
CA THR A 370 11.29 -9.01 -16.21
C THR A 370 12.28 -9.92 -15.50
N ASP A 371 11.85 -10.42 -14.34
CA ASP A 371 12.59 -11.36 -13.49
C ASP A 371 13.53 -12.28 -14.28
N PRO A 372 14.82 -12.18 -13.99
CA PRO A 372 15.30 -11.31 -12.91
C PRO A 372 16.03 -10.06 -13.44
N ASP A 373 15.97 -9.87 -14.75
CA ASP A 373 16.64 -8.74 -15.40
C ASP A 373 16.30 -7.38 -14.89
N ASN A 374 15.17 -7.25 -14.21
CA ASN A 374 14.78 -5.95 -13.67
C ASN A 374 15.36 -5.77 -12.29
N ARG A 375 16.00 -6.83 -11.79
CA ARG A 375 16.58 -6.84 -10.45
C ARG A 375 18.10 -6.74 -10.40
N ALA A 376 18.69 -5.81 -11.12
CA ALA A 376 20.16 -5.74 -11.11
C ALA A 376 20.74 -4.78 -10.13
N ARG A 377 22.06 -4.87 -9.95
CA ARG A 377 22.75 -3.99 -9.03
C ARG A 377 22.78 -2.55 -9.56
N ILE A 378 22.46 -1.59 -8.69
CA ILE A 378 22.49 -0.18 -9.07
C ILE A 378 23.89 0.13 -9.60
N PRO A 379 24.00 0.30 -10.91
CA PRO A 379 25.30 0.57 -11.52
C PRO A 379 25.90 1.91 -11.19
N SER A 380 25.25 2.73 -10.38
CA SER A 380 25.80 4.05 -10.13
C SER A 380 25.11 4.87 -9.03
N PHE A 381 25.91 5.55 -8.22
CA PHE A 381 25.40 6.40 -7.16
C PHE A 381 25.64 7.84 -7.54
N SER A 382 25.39 8.14 -8.82
CA SER A 382 25.58 9.50 -9.36
C SER A 382 24.41 10.44 -9.09
N THR A 383 24.71 11.57 -8.46
CA THR A 383 23.70 12.56 -8.18
C THR A 383 23.69 13.49 -9.38
N SER A 384 24.40 13.09 -10.43
CA SER A 384 24.56 13.90 -11.64
C SER A 384 23.68 13.50 -12.84
N THR A 385 22.46 13.02 -12.59
CA THR A 385 21.53 12.62 -13.65
C THR A 385 20.29 13.48 -13.57
N THR A 386 19.63 13.68 -14.72
CA THR A 386 18.40 14.47 -14.80
C THR A 386 17.31 13.92 -13.89
N ALA A 387 17.12 12.60 -13.92
CA ALA A 387 16.14 11.94 -13.09
C ALA A 387 16.42 12.32 -11.63
N TYR A 388 17.68 12.25 -11.23
CA TYR A 388 18.06 12.57 -9.87
C TYR A 388 17.62 13.98 -9.54
N GLN A 389 18.13 14.94 -10.31
CA GLN A 389 17.79 16.33 -10.12
C GLN A 389 16.30 16.53 -10.12
N VAL A 390 15.61 15.71 -10.91
CA VAL A 390 14.16 15.83 -11.02
C VAL A 390 13.49 15.46 -9.68
N ILE A 391 13.87 14.30 -9.15
CA ILE A 391 13.33 13.81 -7.91
C ILE A 391 13.70 14.74 -6.78
N GLN A 392 14.93 15.24 -6.85
CA GLN A 392 15.43 16.13 -5.83
C GLN A 392 14.65 17.42 -5.81
N LYS A 393 14.21 17.86 -6.97
CA LYS A 393 13.46 19.12 -7.09
C LYS A 393 11.98 19.01 -6.74
N LEU A 394 11.37 17.88 -7.06
CA LEU A 394 9.95 17.69 -6.80
C LEU A 394 9.58 16.93 -5.53
N ALA A 395 10.42 15.98 -5.12
CA ALA A 395 10.12 15.20 -3.91
C ALA A 395 9.82 16.05 -2.68
N PRO A 396 10.60 17.11 -2.47
CA PRO A 396 10.40 17.97 -1.30
C PRO A 396 9.05 18.72 -1.22
N LEU A 397 8.38 18.87 -2.37
CA LEU A 397 7.11 19.59 -2.45
C LEU A 397 6.01 18.91 -1.66
N ARG A 398 6.09 17.59 -1.57
CA ARG A 398 5.10 16.83 -0.86
C ARG A 398 5.17 17.14 0.63
N LYS A 399 6.23 17.82 1.05
CA LYS A 399 6.38 18.20 2.45
C LYS A 399 6.06 19.68 2.61
N CYS A 400 6.52 20.51 1.69
CA CYS A 400 6.28 21.94 1.83
C CYS A 400 5.01 22.44 1.23
N ASN A 401 4.40 21.65 0.36
CA ASN A 401 3.16 22.10 -0.26
C ASN A 401 2.06 21.05 -0.11
N PRO A 402 1.20 21.24 0.91
CA PRO A 402 0.06 20.33 1.20
C PRO A 402 -0.86 20.08 -0.02
N ALA A 403 -0.92 21.04 -0.92
CA ALA A 403 -1.71 20.91 -2.14
C ALA A 403 -1.27 19.66 -2.88
N ILE A 404 0.02 19.35 -2.85
CA ILE A 404 0.53 18.15 -3.54
C ILE A 404 0.38 16.87 -2.73
N ALA A 405 0.39 16.99 -1.42
CA ALA A 405 0.26 15.82 -0.55
C ALA A 405 -1.19 15.41 -0.22
N TYR A 406 -2.08 16.40 -0.06
CA TYR A 406 -3.48 16.17 0.30
C TYR A 406 -4.48 16.72 -0.72
N GLY A 407 -3.99 17.40 -1.74
CA GLY A 407 -4.86 18.05 -2.69
C GLY A 407 -5.80 17.23 -3.57
N SER A 408 -6.72 17.97 -4.20
CA SER A 408 -7.68 17.40 -5.13
C SER A 408 -7.00 17.48 -6.48
N THR A 409 -7.44 16.67 -7.42
CA THR A 409 -6.88 16.70 -8.75
C THR A 409 -7.89 17.25 -9.72
N GLN A 410 -7.50 18.22 -10.53
CA GLN A 410 -8.43 18.75 -11.48
C GLN A 410 -7.74 19.10 -12.77
N GLU A 411 -8.31 18.69 -13.89
CA GLU A 411 -7.72 19.00 -15.17
C GLU A 411 -8.07 20.45 -15.55
N ARG A 412 -7.14 21.15 -16.18
CA ARG A 412 -7.38 22.54 -16.56
C ARG A 412 -7.01 22.88 -18.00
N TRP A 413 -6.45 21.90 -18.69
CA TRP A 413 -6.07 22.02 -20.10
C TRP A 413 -5.73 20.63 -20.53
N ILE A 414 -6.14 20.28 -21.74
CA ILE A 414 -5.92 18.92 -22.23
C ILE A 414 -6.12 18.71 -23.72
N ASN A 415 -5.36 17.76 -24.24
CA ASN A 415 -5.46 17.30 -25.61
C ASN A 415 -4.83 15.92 -25.66
N ASN A 416 -4.48 15.41 -26.83
CA ASN A 416 -3.91 14.05 -26.90
C ASN A 416 -2.60 13.88 -26.18
N ASP A 417 -1.79 14.93 -26.24
CA ASP A 417 -0.45 14.93 -25.70
C ASP A 417 -0.24 15.78 -24.46
N VAL A 418 -0.92 16.92 -24.40
CA VAL A 418 -0.78 17.81 -23.27
C VAL A 418 -1.79 17.53 -22.15
N LEU A 419 -1.36 17.71 -20.90
CA LEU A 419 -2.21 17.59 -19.70
C LEU A 419 -1.72 18.57 -18.63
N ILE A 420 -2.57 19.53 -18.27
CA ILE A 420 -2.23 20.50 -17.24
C ILE A 420 -3.26 20.27 -16.14
N TYR A 421 -2.79 19.77 -15.00
CA TYR A 421 -3.66 19.47 -13.87
C TYR A 421 -3.31 20.33 -12.65
N GLU A 422 -4.32 20.64 -11.86
CA GLU A 422 -4.17 21.44 -10.66
C GLU A 422 -4.44 20.65 -9.37
N ARG A 423 -3.52 20.79 -8.42
CA ARG A 423 -3.63 20.13 -7.11
C ARG A 423 -3.99 21.24 -6.13
N LYS A 424 -5.03 21.05 -5.33
CA LYS A 424 -5.45 22.11 -4.38
C LYS A 424 -5.79 21.65 -2.97
N PHE A 425 -5.30 22.38 -1.98
CA PHE A 425 -5.58 22.07 -0.61
C PHE A 425 -5.46 23.33 0.18
N GLY A 426 -6.59 23.90 0.57
CA GLY A 426 -6.62 25.15 1.35
C GLY A 426 -6.08 26.30 0.52
N SER A 427 -5.21 27.12 1.10
CA SER A 427 -4.59 28.22 0.37
C SER A 427 -3.29 27.68 -0.18
N ASN A 428 -3.36 26.54 -0.86
CA ASN A 428 -2.17 25.92 -1.42
C ASN A 428 -2.51 25.35 -2.75
N VAL A 429 -1.78 25.77 -3.76
CA VAL A 429 -2.01 25.33 -5.13
C VAL A 429 -0.72 24.89 -5.84
N ALA A 430 -0.83 23.84 -6.65
CA ALA A 430 0.27 23.35 -7.44
C ALA A 430 -0.30 23.01 -8.84
N VAL A 431 0.23 23.66 -9.87
CA VAL A 431 -0.17 23.41 -11.26
C VAL A 431 1.00 22.75 -12.00
N VAL A 432 0.72 21.60 -12.61
CA VAL A 432 1.71 20.83 -13.33
C VAL A 432 1.30 20.69 -14.83
N ALA A 433 2.27 20.90 -15.73
CA ALA A 433 2.01 20.81 -17.15
C ALA A 433 2.97 19.86 -17.83
N VAL A 434 2.42 18.83 -18.47
CA VAL A 434 3.24 17.83 -19.14
C VAL A 434 2.77 17.64 -20.60
N ASN A 435 3.73 17.77 -21.53
CA ASN A 435 3.48 17.62 -22.96
C ASN A 435 4.29 16.42 -23.47
N ARG A 436 3.69 15.23 -23.44
CA ARG A 436 4.36 13.98 -23.87
C ARG A 436 4.79 13.93 -25.34
N ASN A 437 4.44 14.94 -26.12
CA ASN A 437 4.81 14.94 -27.52
C ASN A 437 6.26 15.32 -27.67
N LEU A 438 7.10 14.31 -27.86
CA LEU A 438 8.52 14.57 -27.96
C LEU A 438 8.94 15.44 -29.15
N ASN A 439 8.10 15.53 -30.19
CA ASN A 439 8.49 16.34 -31.36
C ASN A 439 7.73 17.61 -31.62
N ALA A 440 6.66 17.88 -30.86
CA ALA A 440 5.86 19.07 -31.12
C ALA A 440 5.44 19.88 -29.91
N PRO A 441 5.53 21.20 -30.06
CA PRO A 441 5.12 22.13 -29.02
C PRO A 441 3.59 22.30 -28.97
N ALA A 442 3.10 22.85 -27.85
CA ALA A 442 1.67 23.10 -27.66
C ALA A 442 1.48 24.55 -27.36
N SER A 443 0.40 25.10 -27.89
CA SER A 443 0.11 26.50 -27.64
C SER A 443 -0.96 26.56 -26.59
N ILE A 444 -0.53 26.80 -25.37
CA ILE A 444 -1.45 26.86 -24.28
C ILE A 444 -2.13 28.21 -24.24
N SER A 445 -3.42 28.21 -24.55
CA SER A 445 -4.23 29.42 -24.49
C SER A 445 -5.52 29.11 -23.72
N GLY A 446 -6.08 30.11 -23.07
CA GLY A 446 -7.32 29.95 -22.31
C GLY A 446 -7.20 29.01 -21.11
N LEU A 447 -6.00 28.90 -20.56
CA LEU A 447 -5.79 28.05 -19.39
C LEU A 447 -6.12 28.90 -18.17
N VAL A 448 -7.07 28.43 -17.37
CA VAL A 448 -7.44 29.13 -16.15
C VAL A 448 -7.03 28.27 -14.96
N THR A 449 -6.56 28.91 -13.88
CA THR A 449 -6.15 28.15 -12.68
C THR A 449 -6.64 28.82 -11.40
N SER A 450 -6.18 28.29 -10.26
CA SER A 450 -6.53 28.81 -8.94
C SER A 450 -5.35 29.59 -8.39
N LEU A 451 -4.34 29.80 -9.22
CA LEU A 451 -3.15 30.53 -8.81
C LEU A 451 -3.39 32.02 -8.75
N PRO A 452 -2.95 32.64 -7.66
CA PRO A 452 -3.11 34.05 -7.51
C PRO A 452 -2.42 34.71 -8.68
N GLN A 453 -2.76 35.96 -8.94
CA GLN A 453 -2.14 36.68 -10.03
C GLN A 453 -0.73 37.04 -9.63
N GLY A 454 0.23 36.61 -10.45
CA GLY A 454 1.65 36.87 -10.21
C GLY A 454 2.47 36.12 -11.25
N SER A 455 3.75 35.96 -11.00
CA SER A 455 4.61 35.25 -11.93
C SER A 455 5.18 34.02 -11.22
N TYR A 456 5.07 32.87 -11.88
CA TYR A 456 5.53 31.62 -11.31
C TYR A 456 6.64 30.93 -12.08
N ASN A 457 7.76 30.77 -11.41
CA ASN A 457 8.92 30.12 -11.99
C ASN A 457 8.73 28.61 -12.04
N ASP A 458 9.32 27.98 -13.04
CA ASP A 458 9.21 26.56 -13.14
C ASP A 458 9.99 26.06 -11.94
N VAL A 459 9.35 25.21 -11.15
CA VAL A 459 10.01 24.67 -9.97
C VAL A 459 11.12 23.75 -10.41
N LEU A 460 10.98 23.21 -11.63
CA LEU A 460 12.00 22.33 -12.17
C LEU A 460 13.05 23.23 -12.83
N GLY A 461 12.92 24.52 -12.59
CA GLY A 461 13.83 25.54 -13.13
C GLY A 461 14.39 25.30 -14.55
N GLY A 462 13.54 24.89 -15.48
CA GLY A 462 13.97 24.62 -16.86
C GLY A 462 14.48 23.19 -17.14
N LEU A 463 14.77 22.44 -16.08
CA LEU A 463 15.29 21.07 -16.22
C LEU A 463 14.64 20.22 -17.31
N LEU A 464 13.32 20.20 -17.35
CA LEU A 464 12.64 19.44 -18.38
C LEU A 464 11.91 20.39 -19.30
N ASN A 465 12.58 21.50 -19.63
CA ASN A 465 12.07 22.52 -20.54
C ASN A 465 10.79 23.22 -20.18
N GLY A 466 10.45 23.23 -18.89
CA GLY A 466 9.26 23.92 -18.40
C GLY A 466 9.55 25.41 -18.56
N ASN A 467 8.57 26.27 -18.25
CA ASN A 467 8.74 27.72 -18.41
C ASN A 467 8.09 28.47 -17.28
N THR A 468 8.22 29.80 -17.29
CA THR A 468 7.58 30.67 -16.30
C THR A 468 6.10 30.82 -16.63
N LEU A 469 5.27 31.00 -15.59
CA LEU A 469 3.84 31.21 -15.83
C LEU A 469 3.44 32.62 -15.42
N SER A 470 2.45 33.14 -16.12
CA SER A 470 1.93 34.48 -15.86
C SER A 470 0.45 34.33 -15.69
N VAL A 471 -0.04 34.70 -14.50
CA VAL A 471 -1.45 34.56 -14.16
C VAL A 471 -2.03 35.89 -13.79
N GLY A 472 -2.99 36.34 -14.57
CA GLY A 472 -3.64 37.61 -14.29
C GLY A 472 -4.74 37.34 -13.29
N SER A 473 -5.73 38.23 -13.25
CA SER A 473 -6.86 38.04 -12.36
C SER A 473 -7.60 36.87 -12.99
N GLY A 474 -8.52 36.27 -12.24
CA GLY A 474 -9.27 35.14 -12.76
C GLY A 474 -8.42 33.89 -12.63
N GLY A 475 -7.14 34.09 -12.38
CA GLY A 475 -6.22 32.97 -12.25
C GLY A 475 -5.98 32.53 -13.66
N ALA A 476 -6.29 33.44 -14.58
CA ALA A 476 -6.11 33.22 -16.01
C ALA A 476 -4.62 33.28 -16.39
N ALA A 477 -4.15 32.25 -17.07
CA ALA A 477 -2.75 32.23 -17.47
C ALA A 477 -2.57 32.91 -18.83
N SER A 478 -1.50 33.69 -18.97
CA SER A 478 -1.24 34.33 -20.25
C SER A 478 -0.87 33.23 -21.26
N ASN A 479 -1.10 33.47 -22.55
CA ASN A 479 -0.75 32.48 -23.56
C ASN A 479 0.71 32.13 -23.46
N PHE A 480 1.01 30.86 -23.72
CA PHE A 480 2.39 30.39 -23.69
C PHE A 480 2.61 29.17 -24.57
N THR A 481 3.86 28.93 -24.93
CA THR A 481 4.20 27.77 -25.73
C THR A 481 4.69 26.75 -24.73
N LEU A 482 4.17 25.52 -24.84
CA LEU A 482 4.60 24.42 -23.98
C LEU A 482 5.49 23.52 -24.82
N ALA A 483 6.79 23.73 -24.67
CA ALA A 483 7.85 23.00 -25.35
C ALA A 483 7.56 21.53 -25.62
N ALA A 484 8.15 21.00 -26.70
CA ALA A 484 8.00 19.57 -27.01
C ALA A 484 8.68 18.80 -25.86
N GLY A 485 7.92 17.95 -25.18
CA GLY A 485 8.46 17.18 -24.06
C GLY A 485 8.53 18.02 -22.76
N GLY A 486 8.12 19.28 -22.84
CA GLY A 486 8.16 20.14 -21.68
C GLY A 486 7.38 19.59 -20.47
N THR A 487 7.85 19.95 -19.28
CA THR A 487 7.23 19.59 -18.01
C THR A 487 7.58 20.77 -17.12
N ALA A 488 6.58 21.47 -16.61
CA ALA A 488 6.81 22.65 -15.77
C ALA A 488 5.92 22.56 -14.56
N VAL A 489 6.42 22.97 -13.40
CA VAL A 489 5.61 22.91 -12.18
C VAL A 489 5.51 24.28 -11.59
N TRP A 490 4.29 24.71 -11.31
CA TRP A 490 4.07 26.04 -10.75
C TRP A 490 3.33 25.88 -9.45
N GLN A 491 3.68 26.67 -8.45
CA GLN A 491 3.03 26.45 -7.17
C GLN A 491 2.94 27.66 -6.29
N TYR A 492 2.07 27.55 -5.29
CA TYR A 492 1.79 28.61 -4.35
C TYR A 492 1.39 28.01 -3.01
N THR A 493 1.91 28.57 -1.92
CA THR A 493 1.54 28.13 -0.57
C THR A 493 1.20 29.33 0.32
N ALA A 494 0.26 29.15 1.22
CA ALA A 494 -0.13 30.22 2.14
C ALA A 494 -0.80 29.56 3.34
N ALA A 495 -0.97 30.33 4.41
CA ALA A 495 -1.61 29.77 5.60
C ALA A 495 -3.10 29.52 5.36
N THR A 496 -3.57 28.34 5.76
CA THR A 496 -4.99 28.04 5.62
C THR A 496 -5.70 28.75 6.77
N ALA A 497 -6.86 29.33 6.49
CA ALA A 497 -7.63 30.05 7.52
C ALA A 497 -8.51 29.11 8.34
N THR A 498 -9.31 28.29 7.65
CA THR A 498 -10.20 27.35 8.31
C THR A 498 -9.53 25.99 8.56
N PRO A 499 -10.05 25.22 9.50
CA PRO A 499 -9.50 23.91 9.78
C PRO A 499 -9.81 22.99 8.61
N THR A 500 -8.77 22.41 8.04
CA THR A 500 -8.92 21.54 6.89
C THR A 500 -8.25 20.23 7.19
N ILE A 501 -9.00 19.14 7.10
CA ILE A 501 -8.45 17.82 7.33
C ILE A 501 -7.99 17.29 5.98
N GLY A 502 -6.69 17.00 5.86
CA GLY A 502 -6.14 16.46 4.61
C GLY A 502 -5.89 14.95 4.73
N HIS A 503 -5.86 14.44 5.95
CA HIS A 503 -5.60 13.00 6.13
C HIS A 503 -5.92 12.54 7.54
N VAL A 504 -6.25 11.26 7.66
CA VAL A 504 -6.55 10.64 8.95
C VAL A 504 -6.02 9.21 8.90
N GLY A 505 -5.53 8.68 10.03
CA GLY A 505 -4.99 7.32 10.05
C GLY A 505 -4.59 6.90 11.45
N PRO A 506 -4.82 5.63 11.80
CA PRO A 506 -5.44 4.64 10.89
C PRO A 506 -6.92 4.88 10.58
N MET A 507 -7.44 4.18 9.56
CA MET A 507 -8.85 4.30 9.15
C MET A 507 -9.72 3.12 9.60
N MET A 508 -9.25 2.40 10.61
CA MET A 508 -9.99 1.28 11.18
C MET A 508 -9.35 0.81 12.50
N ALA A 509 -10.11 0.90 13.58
CA ALA A 509 -9.61 0.48 14.89
C ALA A 509 -10.73 0.55 15.97
N LYS A 510 -10.46 -0.05 17.12
CA LYS A 510 -11.41 -0.05 18.25
C LYS A 510 -11.30 1.25 19.04
N PRO A 511 -12.28 1.49 19.92
CA PRO A 511 -12.27 2.69 20.75
C PRO A 511 -11.06 2.71 21.65
N GLY A 512 -10.56 3.89 21.95
CA GLY A 512 -9.41 4.00 22.84
C GLY A 512 -8.13 4.20 22.09
N VAL A 513 -8.05 3.61 20.88
CA VAL A 513 -6.89 3.72 20.01
C VAL A 513 -6.63 5.17 19.59
N THR A 514 -5.38 5.57 19.48
CA THR A 514 -5.12 6.95 19.09
C THR A 514 -5.06 7.10 17.60
N ILE A 515 -5.62 8.19 17.11
CA ILE A 515 -5.60 8.47 15.67
C ILE A 515 -4.95 9.79 15.30
N THR A 516 -4.43 9.86 14.08
CA THR A 516 -3.72 11.03 13.57
C THR A 516 -4.51 11.70 12.48
N ILE A 517 -4.92 12.95 12.73
CA ILE A 517 -5.66 13.76 11.77
C ILE A 517 -4.66 14.85 11.34
N ASP A 518 -4.31 14.86 10.06
CA ASP A 518 -3.33 15.83 9.52
C ASP A 518 -3.95 16.76 8.50
N GLY A 519 -3.46 18.00 8.49
CA GLY A 519 -3.98 18.96 7.55
C GLY A 519 -3.36 20.30 7.82
N ARG A 520 -4.17 21.35 7.71
CA ARG A 520 -3.74 22.73 7.91
C ARG A 520 -4.92 23.50 8.54
N GLY A 521 -4.62 24.57 9.28
CA GLY A 521 -5.66 25.41 9.88
C GLY A 521 -6.30 24.94 11.18
N PHE A 522 -5.77 23.89 11.76
CA PHE A 522 -6.30 23.36 13.02
C PHE A 522 -6.17 24.39 14.14
N GLY A 523 -5.01 25.04 14.22
CA GLY A 523 -4.74 26.02 15.26
C GLY A 523 -3.97 25.32 16.37
N SER A 524 -3.32 26.07 17.26
CA SER A 524 -2.55 25.44 18.33
C SER A 524 -3.38 24.96 19.53
N SER A 525 -4.49 25.62 19.81
CA SER A 525 -5.31 25.25 20.95
C SER A 525 -6.21 24.07 20.67
N LYS A 526 -6.44 23.22 21.67
CA LYS A 526 -7.33 22.09 21.47
C LYS A 526 -8.69 22.64 21.08
N GLY A 527 -9.39 21.92 20.21
CA GLY A 527 -10.72 22.29 19.75
C GLY A 527 -11.56 21.05 19.93
N THR A 528 -12.43 20.76 18.97
CA THR A 528 -13.27 19.57 19.01
C THR A 528 -13.02 18.65 17.84
N VAL A 529 -13.22 17.36 18.09
CA VAL A 529 -13.05 16.32 17.09
C VAL A 529 -14.34 15.52 17.10
N TYR A 530 -14.89 15.19 15.93
CA TYR A 530 -16.13 14.42 15.92
C TYR A 530 -16.04 13.12 15.17
N PHE A 531 -16.64 12.07 15.73
CA PHE A 531 -16.71 10.78 15.06
C PHE A 531 -18.22 10.65 14.80
N GLY A 532 -18.67 11.26 13.70
CA GLY A 532 -20.07 11.29 13.38
C GLY A 532 -20.62 12.52 14.10
N THR A 533 -21.60 12.31 14.98
CA THR A 533 -22.21 13.40 15.75
C THR A 533 -21.56 13.52 17.14
N THR A 534 -20.88 12.45 17.56
CA THR A 534 -20.21 12.42 18.87
C THR A 534 -19.03 13.38 18.96
N ALA A 535 -19.05 14.24 19.98
CA ALA A 535 -17.96 15.20 20.20
C ALA A 535 -16.93 14.65 21.22
N VAL A 536 -15.67 14.97 20.96
CA VAL A 536 -14.57 14.53 21.80
C VAL A 536 -13.71 15.75 22.02
N SER A 537 -13.50 16.15 23.27
CA SER A 537 -12.68 17.32 23.54
C SER A 537 -11.74 17.15 24.75
N GLY A 538 -10.85 18.09 24.95
CA GLY A 538 -9.94 18.01 26.08
C GLY A 538 -9.04 16.78 26.12
N ALA A 539 -9.01 16.14 27.28
CA ALA A 539 -8.14 14.98 27.52
C ALA A 539 -7.94 13.96 26.39
N ASP A 540 -9.02 13.29 25.99
CA ASP A 540 -8.94 12.27 24.93
C ASP A 540 -8.24 12.77 23.70
N ILE A 541 -8.12 14.09 23.61
CA ILE A 541 -7.38 14.74 22.55
C ILE A 541 -6.01 14.89 23.19
N THR A 542 -5.14 13.93 22.92
CA THR A 542 -3.81 13.92 23.51
C THR A 542 -2.88 15.10 23.11
N SER A 543 -2.88 15.46 21.82
CA SER A 543 -2.07 16.60 21.32
C SER A 543 -2.74 17.30 20.14
N TRP A 544 -2.62 18.62 20.10
CA TRP A 544 -3.24 19.39 19.05
C TRP A 544 -2.37 20.60 18.60
N GLU A 545 -2.06 20.65 17.31
CA GLU A 545 -1.28 21.77 16.77
C GLU A 545 -1.81 22.09 15.39
N ASP A 546 -1.27 23.11 14.73
CA ASP A 546 -1.82 23.47 13.44
C ASP A 546 -2.00 22.43 12.36
N THR A 547 -1.00 21.57 12.17
CA THR A 547 -1.07 20.57 11.11
C THR A 547 -1.29 19.13 11.54
N GLN A 548 -1.44 18.88 12.83
CA GLN A 548 -1.61 17.51 13.30
C GLN A 548 -2.34 17.37 14.62
N ILE A 549 -3.24 16.41 14.68
CA ILE A 549 -4.00 16.16 15.89
C ILE A 549 -3.90 14.68 16.23
N LYS A 550 -3.80 14.41 17.53
CA LYS A 550 -3.74 13.06 18.04
C LYS A 550 -4.85 12.89 19.09
N VAL A 551 -5.79 11.98 18.82
CA VAL A 551 -6.92 11.77 19.71
C VAL A 551 -7.33 10.30 19.73
N LYS A 552 -7.85 9.83 20.87
CA LYS A 552 -8.33 8.46 20.96
C LYS A 552 -9.81 8.37 20.51
N ILE A 553 -10.18 7.24 19.93
CA ILE A 553 -11.51 7.01 19.46
C ILE A 553 -12.46 6.80 20.63
N PRO A 554 -13.57 7.55 20.68
CA PRO A 554 -14.51 7.42 21.78
C PRO A 554 -15.22 6.08 21.75
N ALA A 555 -15.79 5.71 22.88
CA ALA A 555 -16.50 4.45 22.98
C ALA A 555 -17.85 4.50 22.26
N VAL A 556 -17.84 4.64 20.93
CA VAL A 556 -19.08 4.67 20.12
C VAL A 556 -19.32 3.26 19.56
N ALA A 557 -20.57 2.91 19.31
CA ALA A 557 -20.91 1.58 18.77
C ALA A 557 -20.09 1.25 17.50
N GLY A 558 -19.91 -0.04 17.20
CA GLY A 558 -19.14 -0.42 16.01
C GLY A 558 -19.83 0.14 14.76
N GLY A 559 -19.17 1.04 14.03
CA GLY A 559 -19.77 1.61 12.83
C GLY A 559 -18.81 2.41 11.96
N ASN A 560 -19.37 3.04 10.94
CA ASN A 560 -18.59 3.86 10.03
C ASN A 560 -18.94 5.31 10.33
N TYR A 561 -17.96 6.14 10.62
CA TYR A 561 -18.27 7.49 10.95
C TYR A 561 -17.60 8.50 10.06
N ASN A 562 -17.90 9.77 10.29
CA ASN A 562 -17.29 10.82 9.52
C ASN A 562 -16.49 11.67 10.46
N ILE A 563 -15.18 11.73 10.26
CA ILE A 563 -14.34 12.50 11.14
C ILE A 563 -14.39 13.95 10.75
N LYS A 564 -14.56 14.83 11.72
CA LYS A 564 -14.59 16.26 11.44
C LYS A 564 -13.95 16.94 12.64
N VAL A 565 -13.53 18.19 12.49
CA VAL A 565 -12.92 18.92 13.59
C VAL A 565 -13.26 20.41 13.55
N ALA A 566 -13.00 21.11 14.64
CA ALA A 566 -13.30 22.53 14.72
C ALA A 566 -12.31 23.21 15.65
N ASN A 567 -11.75 24.32 15.19
CA ASN A 567 -10.76 25.04 16.00
C ASN A 567 -11.42 25.48 17.30
N ALA A 568 -10.61 26.02 18.20
CA ALA A 568 -11.09 26.49 19.48
C ALA A 568 -12.27 27.43 19.34
N ALA A 569 -12.28 28.22 18.27
CA ALA A 569 -13.35 29.19 18.04
C ALA A 569 -14.69 28.64 17.57
N GLY A 570 -14.76 27.35 17.28
CA GLY A 570 -16.01 26.76 16.82
C GLY A 570 -16.11 26.55 15.31
N THR A 571 -15.14 27.01 14.55
CA THR A 571 -15.15 26.84 13.11
C THR A 571 -14.92 25.38 12.76
N ALA A 572 -15.86 24.78 12.05
CA ALA A 572 -15.76 23.38 11.64
C ALA A 572 -14.90 23.27 10.38
N SER A 573 -14.44 22.04 10.15
CA SER A 573 -13.60 21.70 9.01
C SER A 573 -14.42 20.86 8.07
N ASN A 574 -13.76 20.31 7.06
CA ASN A 574 -14.42 19.46 6.10
C ASN A 574 -14.54 18.04 6.66
N VAL A 575 -15.30 17.21 5.98
CA VAL A 575 -15.51 15.84 6.45
C VAL A 575 -14.61 14.81 5.77
N TYR A 576 -13.89 14.05 6.57
CA TYR A 576 -13.06 12.98 6.07
C TYR A 576 -13.86 11.74 6.43
N ASP A 577 -14.52 11.16 5.45
CA ASP A 577 -15.39 10.02 5.66
C ASP A 577 -14.71 8.64 5.62
N ASN A 578 -15.50 7.60 5.88
CA ASN A 578 -15.04 6.21 5.84
C ASN A 578 -14.36 5.60 7.08
N PHE A 579 -14.39 6.31 8.20
CA PHE A 579 -13.76 5.77 9.39
C PHE A 579 -14.53 4.58 10.02
N GLU A 580 -13.86 3.45 10.17
CA GLU A 580 -14.52 2.32 10.78
C GLU A 580 -14.10 2.09 12.24
N VAL A 581 -15.06 2.25 13.15
CA VAL A 581 -14.82 2.03 14.55
C VAL A 581 -15.16 0.56 14.73
N LEU A 582 -14.18 -0.24 15.12
CA LEU A 582 -14.40 -1.66 15.29
C LEU A 582 -15.23 -1.90 16.54
N SER A 583 -15.68 -3.13 16.73
CA SER A 583 -16.48 -3.46 17.87
C SER A 583 -15.60 -3.95 19.01
N GLY A 584 -14.29 -3.95 18.77
CA GLY A 584 -13.30 -4.38 19.75
C GLY A 584 -12.26 -5.21 19.00
N ASP A 585 -11.41 -5.92 19.74
CA ASP A 585 -10.40 -6.77 19.16
C ASP A 585 -11.01 -7.73 18.15
N GLN A 586 -10.24 -8.02 17.10
CA GLN A 586 -10.72 -8.87 16.01
C GLN A 586 -10.05 -10.26 15.98
N VAL A 587 -10.82 -11.24 15.54
CA VAL A 587 -10.34 -12.60 15.37
C VAL A 587 -10.96 -13.05 14.07
N SER A 588 -10.26 -13.90 13.34
CA SER A 588 -10.74 -14.39 12.05
C SER A 588 -11.50 -15.70 12.26
N VAL A 589 -12.80 -15.67 11.98
CA VAL A 589 -13.67 -16.83 12.14
C VAL A 589 -14.17 -17.23 10.75
N ARG A 590 -14.24 -18.54 10.49
CA ARG A 590 -14.72 -19.02 9.19
C ARG A 590 -16.18 -19.43 9.35
N PHE A 591 -16.99 -19.09 8.34
CA PHE A 591 -18.41 -19.36 8.36
C PHE A 591 -18.72 -20.26 7.21
N VAL A 592 -19.31 -21.40 7.53
CA VAL A 592 -19.70 -22.37 6.52
C VAL A 592 -21.21 -22.60 6.58
N VAL A 593 -21.89 -22.45 5.45
CA VAL A 593 -23.32 -22.72 5.38
C VAL A 593 -23.51 -23.85 4.38
N ASN A 594 -24.23 -24.88 4.76
CA ASN A 594 -24.39 -26.02 3.88
C ASN A 594 -25.70 -26.04 3.13
N ASN A 595 -25.69 -26.71 1.99
CA ASN A 595 -26.88 -26.86 1.15
C ASN A 595 -27.62 -25.60 0.95
N ALA A 596 -26.92 -24.61 0.41
CA ALA A 596 -27.52 -23.31 0.11
C ALA A 596 -27.47 -23.20 -1.40
N THR A 597 -28.39 -23.89 -2.05
CA THR A 597 -28.45 -23.88 -3.51
C THR A 597 -28.79 -22.49 -4.03
N THR A 598 -28.36 -22.20 -5.26
CA THR A 598 -28.65 -20.91 -5.87
C THR A 598 -28.85 -21.11 -7.38
N ALA A 599 -29.06 -20.01 -8.08
CA ALA A 599 -29.22 -20.01 -9.53
C ALA A 599 -27.95 -19.34 -10.02
N LEU A 600 -27.48 -19.69 -11.21
CA LEU A 600 -26.26 -19.06 -11.70
C LEU A 600 -26.36 -17.53 -11.67
N GLY A 601 -25.40 -16.88 -11.03
CA GLY A 601 -25.42 -15.43 -10.92
C GLY A 601 -25.83 -14.98 -9.51
N GLN A 602 -26.52 -15.83 -8.77
CA GLN A 602 -26.92 -15.46 -7.43
C GLN A 602 -25.99 -16.16 -6.43
N ASN A 603 -25.54 -15.42 -5.42
CA ASN A 603 -24.62 -15.93 -4.41
C ASN A 603 -25.03 -15.69 -2.98
N VAL A 604 -24.61 -16.61 -2.11
CA VAL A 604 -24.84 -16.51 -0.68
C VAL A 604 -23.94 -15.45 0.00
N TYR A 605 -24.49 -14.78 1.00
CA TYR A 605 -23.79 -13.77 1.78
C TYR A 605 -24.16 -13.99 3.24
N LEU A 606 -23.38 -13.37 4.13
CA LEU A 606 -23.58 -13.48 5.55
C LEU A 606 -23.91 -12.10 6.10
N THR A 607 -24.83 -12.08 7.05
CA THR A 607 -25.27 -10.85 7.68
C THR A 607 -25.50 -11.16 9.17
N GLY A 608 -25.36 -10.15 10.03
CA GLY A 608 -25.51 -10.36 11.46
C GLY A 608 -25.53 -9.11 12.34
N SER A 609 -25.67 -9.37 13.65
CA SER A 609 -25.79 -8.37 14.71
C SER A 609 -24.68 -7.36 15.04
N VAL A 610 -23.47 -7.51 14.50
CA VAL A 610 -22.41 -6.55 14.78
C VAL A 610 -22.17 -5.81 13.48
N SER A 611 -21.58 -4.63 13.55
CA SER A 611 -21.31 -3.88 12.33
C SER A 611 -20.36 -4.68 11.43
N GLU A 612 -19.48 -5.46 12.04
CA GLU A 612 -18.53 -6.30 11.29
C GLU A 612 -19.28 -7.29 10.44
N LEU A 613 -20.57 -7.45 10.71
CA LEU A 613 -21.41 -8.38 9.96
C LEU A 613 -22.47 -7.57 9.23
N GLY A 614 -22.31 -6.25 9.23
CA GLY A 614 -23.22 -5.37 8.51
C GLY A 614 -24.49 -4.93 9.24
N ASN A 615 -24.59 -5.32 10.51
CA ASN A 615 -25.73 -4.95 11.32
C ASN A 615 -27.06 -5.24 10.64
N TRP A 616 -27.16 -6.41 10.02
CA TRP A 616 -28.38 -6.85 9.34
C TRP A 616 -28.71 -6.12 8.02
N ASP A 617 -27.88 -5.15 7.63
CA ASP A 617 -28.09 -4.42 6.37
C ASP A 617 -27.52 -5.26 5.27
N PRO A 618 -28.37 -5.88 4.47
CA PRO A 618 -27.90 -6.77 3.41
C PRO A 618 -26.97 -6.03 2.44
N ALA A 619 -27.10 -4.71 2.40
CA ALA A 619 -26.23 -3.88 1.54
C ALA A 619 -24.78 -4.01 2.01
N LYS A 620 -24.61 -4.15 3.32
CA LYS A 620 -23.29 -4.26 3.92
C LYS A 620 -22.96 -5.70 4.26
N ALA A 621 -23.78 -6.63 3.78
CA ALA A 621 -23.58 -8.05 4.00
C ALA A 621 -22.19 -8.47 3.53
N ILE A 622 -21.71 -9.61 4.03
CA ILE A 622 -20.37 -10.10 3.72
C ILE A 622 -20.34 -11.13 2.60
N GLY A 623 -19.53 -10.87 1.57
CA GLY A 623 -19.39 -11.80 0.43
C GLY A 623 -19.38 -11.14 -0.96
N PRO A 624 -19.84 -11.88 -1.97
CA PRO A 624 -20.37 -13.24 -1.79
C PRO A 624 -19.38 -14.26 -1.28
N MET A 625 -19.93 -15.33 -0.73
CA MET A 625 -19.15 -16.42 -0.20
C MET A 625 -18.63 -17.32 -1.31
N TYR A 626 -17.73 -18.23 -0.96
CA TYR A 626 -17.11 -19.16 -1.92
C TYR A 626 -17.64 -20.58 -1.79
N ASN A 627 -17.64 -21.30 -2.91
CA ASN A 627 -18.08 -22.70 -2.94
C ASN A 627 -17.23 -23.52 -3.92
N GLN A 628 -15.96 -23.17 -4.08
CA GLN A 628 -15.08 -23.87 -5.02
C GLN A 628 -13.98 -24.77 -4.38
N VAL A 629 -13.00 -24.12 -3.75
CA VAL A 629 -11.84 -24.80 -3.16
C VAL A 629 -12.02 -25.54 -1.82
N VAL A 630 -11.95 -24.82 -0.71
CA VAL A 630 -12.08 -25.45 0.59
C VAL A 630 -13.38 -26.29 0.69
N TYR A 631 -14.52 -25.66 0.51
CA TYR A 631 -15.77 -26.38 0.54
C TYR A 631 -16.41 -26.20 -0.83
N GLN A 632 -17.18 -27.19 -1.27
CA GLN A 632 -17.84 -27.13 -2.58
C GLN A 632 -19.30 -26.74 -2.50
N TYR A 633 -19.81 -26.06 -3.53
CA TYR A 633 -21.23 -25.70 -3.59
C TYR A 633 -21.98 -27.02 -3.62
N PRO A 634 -23.18 -27.09 -3.06
CA PRO A 634 -23.88 -25.96 -2.46
C PRO A 634 -23.45 -25.57 -1.04
N ASN A 635 -22.19 -25.80 -0.73
CA ASN A 635 -21.65 -25.43 0.58
C ASN A 635 -20.80 -24.24 0.30
N TRP A 636 -21.03 -23.18 1.05
CA TRP A 636 -20.31 -21.94 0.86
C TRP A 636 -19.55 -21.64 2.15
N TYR A 637 -18.42 -20.96 2.02
CA TYR A 637 -17.60 -20.64 3.18
C TYR A 637 -17.06 -19.25 3.03
N TYR A 638 -16.43 -18.74 4.09
CA TYR A 638 -15.87 -17.40 4.06
C TYR A 638 -15.24 -17.04 5.39
N ASP A 639 -14.02 -16.51 5.35
CA ASP A 639 -13.30 -16.08 6.56
C ASP A 639 -13.57 -14.61 6.84
N VAL A 640 -14.03 -14.32 8.07
CA VAL A 640 -14.39 -12.94 8.49
C VAL A 640 -13.81 -12.46 9.85
N SER A 641 -13.39 -11.21 9.93
CA SER A 641 -12.86 -10.67 11.17
C SER A 641 -14.03 -10.17 12.01
N VAL A 642 -14.22 -10.80 13.17
CA VAL A 642 -15.33 -10.49 14.08
C VAL A 642 -14.89 -10.10 15.48
N PRO A 643 -15.77 -9.43 16.23
CA PRO A 643 -15.46 -9.01 17.59
C PRO A 643 -15.16 -10.21 18.48
N ALA A 644 -13.97 -10.19 19.08
CA ALA A 644 -13.48 -11.26 19.94
C ALA A 644 -14.37 -11.61 21.15
N GLY A 645 -14.75 -12.87 21.26
CA GLY A 645 -15.55 -13.31 22.38
C GLY A 645 -16.95 -12.72 22.44
N LYS A 646 -17.41 -12.12 21.35
CA LYS A 646 -18.73 -11.56 21.33
C LYS A 646 -19.72 -12.63 20.91
N THR A 647 -20.92 -12.54 21.44
CA THR A 647 -21.94 -13.51 21.07
C THR A 647 -22.70 -12.83 19.95
N ILE A 648 -22.62 -13.43 18.77
CA ILE A 648 -23.23 -12.85 17.59
C ILE A 648 -24.36 -13.69 17.08
N GLU A 649 -25.32 -13.00 16.49
CA GLU A 649 -26.48 -13.63 15.89
C GLU A 649 -26.32 -13.37 14.41
N PHE A 650 -26.52 -14.40 13.60
CA PHE A 650 -26.37 -14.26 12.17
C PHE A 650 -27.27 -15.16 11.33
N LYS A 651 -27.38 -14.79 10.06
CA LYS A 651 -28.15 -15.55 9.08
C LYS A 651 -27.50 -15.41 7.71
N PHE A 652 -27.90 -16.26 6.79
CA PHE A 652 -27.35 -16.19 5.44
C PHE A 652 -28.35 -15.61 4.48
N LEU A 653 -27.87 -14.90 3.48
CA LEU A 653 -28.75 -14.28 2.51
C LEU A 653 -28.44 -14.88 1.18
N LYS A 654 -29.20 -14.45 0.19
CA LYS A 654 -29.02 -14.86 -1.19
C LYS A 654 -29.39 -13.61 -1.93
N LYS A 655 -28.39 -13.02 -2.56
CA LYS A 655 -28.63 -11.80 -3.30
C LYS A 655 -28.37 -12.05 -4.78
N GLN A 656 -28.98 -11.22 -5.60
CA GLN A 656 -28.84 -11.30 -7.05
C GLN A 656 -28.99 -9.84 -7.34
N GLY A 657 -27.90 -9.10 -7.31
CA GLY A 657 -28.04 -7.66 -7.47
C GLY A 657 -28.38 -7.19 -6.08
N SER A 658 -29.26 -6.20 -5.96
CA SER A 658 -29.64 -5.68 -4.64
C SER A 658 -30.77 -6.54 -4.07
N THR A 659 -31.29 -7.45 -4.89
CA THR A 659 -32.40 -8.33 -4.55
C THR A 659 -31.94 -9.39 -3.55
N VAL A 660 -32.59 -9.43 -2.40
CA VAL A 660 -32.19 -10.39 -1.35
C VAL A 660 -33.24 -11.39 -0.85
N THR A 661 -32.77 -12.57 -0.49
CA THR A 661 -33.64 -13.62 -0.01
C THR A 661 -33.13 -14.14 1.32
N TRP A 662 -33.75 -13.70 2.40
CA TRP A 662 -33.35 -14.13 3.73
C TRP A 662 -33.43 -15.63 3.99
N GLU A 663 -32.49 -16.13 4.77
CA GLU A 663 -32.51 -17.54 5.13
C GLU A 663 -33.80 -17.65 5.94
N GLY A 664 -34.35 -18.83 6.05
CA GLY A 664 -35.58 -18.98 6.80
C GLY A 664 -35.36 -18.97 8.32
N GLY A 665 -36.43 -19.29 9.01
CA GLY A 665 -36.45 -19.42 10.47
C GLY A 665 -35.74 -18.44 11.37
N SER A 666 -34.99 -19.01 12.31
CA SER A 666 -34.30 -18.22 13.31
C SER A 666 -32.86 -17.87 13.01
N ASN A 667 -32.38 -16.88 13.77
CA ASN A 667 -31.02 -16.41 13.70
C ASN A 667 -30.16 -17.46 14.35
N HIS A 668 -28.92 -17.57 13.90
CA HIS A 668 -27.96 -18.47 14.52
C HIS A 668 -27.25 -17.62 15.52
N THR A 669 -26.61 -18.28 16.48
CA THR A 669 -25.88 -17.56 17.50
C THR A 669 -24.61 -18.32 17.68
N PHE A 670 -23.56 -17.60 18.01
CA PHE A 670 -22.31 -18.24 18.27
C PHE A 670 -21.55 -17.18 19.03
N THR A 671 -20.42 -17.57 19.60
CA THR A 671 -19.60 -16.63 20.36
C THR A 671 -18.19 -16.65 19.78
N ALA A 672 -17.69 -15.48 19.39
CA ALA A 672 -16.35 -15.38 18.82
C ALA A 672 -15.31 -15.88 19.84
N PRO A 673 -14.21 -16.45 19.34
CA PRO A 673 -13.14 -16.92 20.22
C PRO A 673 -12.46 -15.69 20.83
N SER A 674 -11.66 -15.87 21.86
CA SER A 674 -10.98 -14.72 22.47
C SER A 674 -9.66 -14.42 21.78
N SER A 675 -9.12 -15.46 21.14
CA SER A 675 -7.85 -15.41 20.43
C SER A 675 -7.91 -16.55 19.43
N GLY A 676 -7.01 -16.54 18.46
CA GLY A 676 -6.98 -17.58 17.46
C GLY A 676 -8.16 -17.48 16.51
N THR A 677 -8.62 -18.64 16.06
CA THR A 677 -9.70 -18.70 15.11
C THR A 677 -10.81 -19.66 15.51
N ALA A 678 -11.82 -19.74 14.67
CA ALA A 678 -12.97 -20.59 14.92
C ALA A 678 -13.60 -20.91 13.59
N THR A 679 -14.49 -21.89 13.59
CA THR A 679 -15.22 -22.31 12.41
C THR A 679 -16.67 -22.63 12.77
N ILE A 680 -17.58 -21.86 12.19
CA ILE A 680 -19.00 -22.00 12.45
C ILE A 680 -19.69 -22.71 11.31
N ASN A 681 -20.13 -23.94 11.54
CA ASN A 681 -20.83 -24.71 10.51
C ASN A 681 -22.35 -24.66 10.75
N VAL A 682 -23.13 -24.45 9.69
CA VAL A 682 -24.60 -24.43 9.80
C VAL A 682 -25.25 -24.73 8.46
N ASN A 683 -26.47 -25.26 8.52
CA ASN A 683 -27.22 -25.56 7.32
C ASN A 683 -28.09 -24.37 7.03
N TRP A 684 -28.33 -24.12 5.76
CA TRP A 684 -29.18 -23.01 5.40
C TRP A 684 -30.56 -23.48 5.85
N GLN A 685 -31.30 -22.58 6.50
CA GLN A 685 -32.64 -22.90 6.98
C GLN A 685 -33.53 -22.33 5.92
N PRO A 686 -34.54 -23.10 5.52
CA PRO A 686 -35.49 -22.62 4.53
C PRO A 686 -36.64 -21.94 5.25
#